data_1PST
#
_entry.id   1PST
#
_cell.length_a   138.000
_cell.length_b   77.500
_cell.length_c   141.800
_cell.angle_alpha   90.00
_cell.angle_beta   90.00
_cell.angle_gamma   90.00
#
_symmetry.space_group_name_H-M   'P 21 21 21'
#
loop_
_entity.id
_entity.type
_entity.pdbx_description
1 polymer 'PHOTOSYNTHETIC REACTION CENTER'
2 polymer 'PHOTOSYNTHETIC REACTION CENTER'
3 polymer 'PHOTOSYNTHETIC REACTION CENTER'
4 non-polymer 'BACTERIOCHLOROPHYLL A'
5 non-polymer 'BACTERIOPHEOPHYTIN A'
6 non-polymer UBIQUINONE-10
7 non-polymer 'FE (III) ION'
8 non-polymer SPIRILLOXANTHIN
#
loop_
_entity_poly.entity_id
_entity_poly.type
_entity_poly.pdbx_seq_one_letter_code
_entity_poly.pdbx_strand_id
1 'polypeptide(L)'
;FERKYRVPGGTLVGGNLFDFWVGPFYVGFFGVATFFFAALGIILIAWSAVLQGTWNPQLISVYPPALEYGLGGAPLAKGG
LWQIITICATGAFVSWALREVEICRKLGIGYHIPFAFAFAILAYLTLVLFRPVMMGAWGYAFPYGIWTHLDWVSNTGYTY
GNFHYNPAHMIAISFFFTNALALALHGALVLSAANPEKGKEMRTPDHEDTFFRDLVGYSIGTLGIHRLGLLLSLSAVFFS
ALCMIITGTIWFDQWVDWWQWWVKLP
;
L
2 'polypeptide(L)'
;IFSQVQVRGPADLGMTEDVNLANRSGVGPFSTLLGWFGNAQLGPIYLGSLGVLSLFSGLMWFFTIGIWFWYQAGWNPAVF
LRDLFFFSLEPPAPEYGLSFAAPLKEGGLWLIASFFMFVAVWSWWGRTYLRAQALGMGKHTAWAFLSAIWLWMVLGFIRP
ILMGSWSEAVPYGIFSHLDWTNNFSLVHGNLFYNPFLGLSIAFLYGSALLFAMHGATILAVSRFGGERELEQIADRGTAA
ERAALFWRWTMGFNATMEGIHRWAIWMAVLVTLTGGIGILLSGTVVDNWYVWGQNH
;
M
3 'polypeptide(L)'
;LASLAIYSFWIFLAGLIYYLQTENMREGYPLENEDGTPAANQGPFPLPKPKTFILPHGRGTLTVPGPESEDRPIALARTA
VSEGFPHAPTGDPMKDGVGPASWVARRDLPELDGHGHNKIKPMKAAAGFHVSAGKNPIGLPVRGCDLEIAGKVVDIWVDI
PEQMARFLEVELKDGSTRLLPMQMVKVQSNRVHVNALSSDLFAGIPTIKSPTEVTLLEEDKICGYVAGGLMYAAPKR
;
H
#
loop_
_chem_comp.id
_chem_comp.type
_chem_comp.name
_chem_comp.formula
BCL non-polymer 'BACTERIOCHLOROPHYLL A' 'C55 H74 Mg N4 O6'
BPH non-polymer 'BACTERIOPHEOPHYTIN A' 'C55 H76 N4 O6'
CRT non-polymer SPIRILLOXANTHIN 'C42 H60 O2'
FE non-polymer 'FE (III) ION' 'Fe 3'
U10 non-polymer UBIQUINONE-10 'C59 H90 O4'
#
# COMPACT_ATOMS: atom_id res chain seq x y z
N PHE A 1 -2.30 -25.74 4.99
CA PHE A 1 -2.15 -25.56 3.55
C PHE A 1 -0.67 -25.74 3.26
N GLU A 2 0.10 -24.89 2.57
CA GLU A 2 1.56 -25.02 2.48
C GLU A 2 2.03 -26.25 1.76
N ARG A 3 1.95 -27.43 2.37
CA ARG A 3 2.42 -28.68 1.82
C ARG A 3 2.15 -28.93 0.32
N LYS A 4 0.91 -28.76 -0.17
CA LYS A 4 0.60 -28.99 -1.58
C LYS A 4 1.29 -28.04 -2.55
N TYR A 5 1.77 -26.93 -1.98
CA TYR A 5 2.45 -25.87 -2.70
C TYR A 5 3.94 -26.08 -2.80
N ARG A 6 4.51 -26.94 -1.94
CA ARG A 6 5.93 -27.13 -1.86
C ARG A 6 6.41 -28.01 -3.00
N VAL A 7 5.90 -27.87 -4.23
CA VAL A 7 6.30 -28.81 -5.26
C VAL A 7 7.62 -28.34 -5.82
N PRO A 8 8.43 -29.24 -6.39
CA PRO A 8 9.70 -28.88 -6.98
C PRO A 8 9.56 -27.99 -8.20
N GLY A 9 10.01 -26.75 -8.23
CA GLY A 9 9.94 -26.05 -9.49
C GLY A 9 10.13 -24.56 -9.37
N GLY A 10 10.03 -23.89 -10.50
CA GLY A 10 10.26 -22.46 -10.54
C GLY A 10 11.75 -22.44 -10.81
N THR A 11 12.46 -21.58 -10.09
CA THR A 11 13.91 -21.47 -10.22
C THR A 11 14.49 -21.07 -11.58
N LEU A 12 14.88 -19.79 -11.54
CA LEU A 12 15.54 -19.15 -12.66
C LEU A 12 16.91 -19.79 -12.89
N VAL A 13 17.79 -19.52 -11.91
CA VAL A 13 19.16 -19.97 -11.96
C VAL A 13 19.29 -20.90 -10.78
N GLY A 14 20.03 -21.99 -10.95
CA GLY A 14 20.29 -22.88 -9.84
C GLY A 14 19.67 -24.25 -9.98
N GLY A 15 18.98 -24.50 -11.10
CA GLY A 15 18.38 -25.78 -11.44
C GLY A 15 17.58 -26.41 -10.30
N ASN A 16 17.72 -27.71 -10.23
CA ASN A 16 17.14 -28.49 -9.15
C ASN A 16 17.95 -28.23 -7.89
N LEU A 17 19.26 -28.08 -8.07
CA LEU A 17 20.26 -27.91 -7.03
C LEU A 17 19.87 -27.24 -5.74
N PHE A 18 19.35 -26.02 -5.83
CA PHE A 18 19.04 -25.26 -4.63
C PHE A 18 17.56 -25.19 -4.26
N ASP A 19 16.72 -26.05 -4.82
CA ASP A 19 15.29 -25.97 -4.59
C ASP A 19 14.88 -26.64 -3.28
N PHE A 20 15.10 -26.01 -2.13
CA PHE A 20 14.70 -26.56 -0.84
C PHE A 20 14.45 -25.45 0.15
N TRP A 21 13.79 -25.81 1.23
CA TRP A 21 13.38 -24.87 2.25
C TRP A 21 14.09 -25.00 3.59
N VAL A 22 14.79 -23.96 4.00
CA VAL A 22 15.35 -23.99 5.33
C VAL A 22 14.15 -23.51 6.12
N GLY A 23 13.35 -24.46 6.62
CA GLY A 23 12.19 -24.14 7.41
C GLY A 23 11.16 -23.38 6.57
N PRO A 24 10.63 -22.23 7.00
CA PRO A 24 9.85 -21.33 6.15
C PRO A 24 10.58 -20.73 4.96
N PHE A 25 11.87 -20.51 5.09
CA PHE A 25 12.60 -19.79 4.06
C PHE A 25 12.95 -20.66 2.88
N TYR A 26 12.51 -20.25 1.70
CA TYR A 26 12.95 -20.94 0.51
C TYR A 26 14.38 -20.44 0.32
N VAL A 27 15.26 -21.33 -0.12
CA VAL A 27 16.63 -20.95 -0.40
C VAL A 27 16.71 -20.64 -1.89
N GLY A 28 17.23 -21.51 -2.77
CA GLY A 28 17.39 -21.14 -4.17
C GLY A 28 18.72 -20.40 -4.36
N PHE A 29 19.19 -20.27 -5.60
CA PHE A 29 20.45 -19.63 -5.89
C PHE A 29 20.57 -18.21 -5.37
N PHE A 30 19.56 -17.38 -5.58
CA PHE A 30 19.61 -16.02 -5.09
C PHE A 30 19.39 -15.94 -3.57
N GLY A 31 19.02 -17.06 -2.93
CA GLY A 31 18.90 -17.13 -1.48
C GLY A 31 20.30 -17.25 -0.90
N VAL A 32 21.13 -18.12 -1.49
CA VAL A 32 22.49 -18.25 -1.00
C VAL A 32 23.15 -16.95 -1.39
N ALA A 33 23.02 -16.38 -2.59
CA ALA A 33 23.62 -15.08 -2.88
C ALA A 33 23.24 -14.00 -1.85
N THR A 34 21.99 -13.89 -1.39
CA THR A 34 21.64 -12.94 -0.34
C THR A 34 22.45 -13.23 0.92
N PHE A 35 22.61 -14.50 1.28
CA PHE A 35 23.37 -14.87 2.46
C PHE A 35 24.82 -14.49 2.35
N PHE A 36 25.44 -14.87 1.25
CA PHE A 36 26.82 -14.58 0.95
C PHE A 36 27.06 -13.08 1.01
N PHE A 37 26.20 -12.27 0.41
CA PHE A 37 26.39 -10.84 0.42
C PHE A 37 26.20 -10.16 1.76
N ALA A 38 25.22 -10.60 2.52
CA ALA A 38 24.98 -10.03 3.82
C ALA A 38 26.12 -10.39 4.74
N ALA A 39 26.71 -11.60 4.63
CA ALA A 39 27.87 -11.98 5.44
C ALA A 39 29.05 -11.05 5.12
N LEU A 40 29.45 -10.89 3.86
CA LEU A 40 30.51 -9.96 3.45
C LEU A 40 30.35 -8.51 3.94
N GLY A 41 29.22 -7.85 3.69
CA GLY A 41 29.01 -6.50 4.19
C GLY A 41 29.01 -6.47 5.72
N ILE A 42 28.51 -7.49 6.42
CA ILE A 42 28.55 -7.48 7.87
C ILE A 42 29.98 -7.57 8.37
N ILE A 43 30.81 -8.45 7.80
CA ILE A 43 32.22 -8.54 8.13
C ILE A 43 32.88 -7.17 7.92
N LEU A 44 32.75 -6.53 6.74
CA LEU A 44 33.39 -5.25 6.51
C LEU A 44 32.90 -4.13 7.40
N ILE A 45 31.63 -4.14 7.87
CA ILE A 45 31.21 -3.09 8.77
C ILE A 45 31.86 -3.37 10.11
N ALA A 46 31.84 -4.63 10.59
CA ALA A 46 32.43 -5.03 11.87
C ALA A 46 33.89 -4.56 11.94
N TRP A 47 34.53 -4.74 10.79
CA TRP A 47 35.87 -4.28 10.51
C TRP A 47 35.88 -2.74 10.61
N SER A 48 35.08 -1.90 9.99
CA SER A 48 35.15 -0.45 10.22
C SER A 48 34.82 0.02 11.64
N ALA A 49 34.16 -0.81 12.42
CA ALA A 49 33.88 -0.47 13.80
C ALA A 49 35.18 -0.57 14.57
N VAL A 50 35.88 -1.71 14.41
CA VAL A 50 37.17 -1.97 15.02
C VAL A 50 38.24 -0.94 14.67
N LEU A 51 38.37 -0.57 13.38
CA LEU A 51 39.26 0.49 12.89
C LEU A 51 38.95 1.89 13.40
N GLN A 52 37.86 2.12 14.12
CA GLN A 52 37.66 3.42 14.71
C GLN A 52 37.52 3.31 16.20
N GLY A 53 37.40 2.08 16.70
CA GLY A 53 37.37 1.84 18.12
C GLY A 53 36.00 1.91 18.78
N THR A 54 34.89 1.60 18.10
CA THR A 54 33.59 1.57 18.78
C THR A 54 32.83 0.44 18.19
N TRP A 55 32.05 -0.18 19.06
CA TRP A 55 31.13 -1.23 18.64
C TRP A 55 29.68 -0.80 18.93
N ASN A 56 29.52 0.47 19.27
CA ASN A 56 28.22 0.96 19.65
C ASN A 56 27.57 1.47 18.37
N PRO A 57 26.30 1.09 18.13
CA PRO A 57 25.53 1.43 16.93
C PRO A 57 25.13 2.90 16.76
N GLN A 58 25.08 3.64 17.87
CA GLN A 58 24.84 5.07 17.78
C GLN A 58 26.10 5.69 17.20
N LEU A 59 27.25 5.02 17.34
CA LEU A 59 28.52 5.53 16.87
C LEU A 59 29.20 4.83 15.70
N ILE A 60 28.94 3.56 15.35
CA ILE A 60 29.58 2.89 14.21
C ILE A 60 29.15 3.57 12.91
N SER A 61 30.07 3.98 12.05
CA SER A 61 29.70 4.67 10.83
C SER A 61 30.73 4.36 9.76
N VAL A 62 30.32 4.43 8.49
CA VAL A 62 31.18 4.07 7.39
C VAL A 62 30.97 5.23 6.43
N TYR A 63 31.88 6.18 6.21
CA TYR A 63 31.64 7.32 5.33
C TYR A 63 32.29 7.15 3.96
N PRO A 64 31.83 7.76 2.86
CA PRO A 64 32.46 7.65 1.54
C PRO A 64 33.84 8.29 1.31
N PRO A 65 34.66 7.83 0.34
CA PRO A 65 35.89 8.48 -0.10
C PRO A 65 35.74 9.94 -0.52
N ALA A 66 36.36 10.77 0.32
CA ALA A 66 36.36 12.22 0.18
C ALA A 66 36.69 12.76 -1.19
N LEU A 67 35.88 13.77 -1.49
CA LEU A 67 35.83 14.53 -2.72
C LEU A 67 37.02 14.58 -3.65
N GLU A 68 38.25 14.53 -3.17
CA GLU A 68 39.40 14.58 -4.03
C GLU A 68 39.68 13.25 -4.74
N TYR A 69 39.26 12.14 -4.15
CA TYR A 69 39.43 10.83 -4.76
C TYR A 69 38.64 10.63 -6.04
N GLY A 70 37.67 11.53 -6.29
CA GLY A 70 36.82 11.46 -7.46
C GLY A 70 36.00 10.17 -7.39
N LEU A 71 35.80 9.56 -8.54
CA LEU A 71 35.11 8.30 -8.60
C LEU A 71 36.15 7.20 -8.65
N GLY A 72 37.34 7.48 -8.08
CA GLY A 72 38.40 6.53 -8.06
C GLY A 72 38.18 5.61 -6.88
N GLY A 73 39.29 4.99 -6.51
CA GLY A 73 39.30 4.07 -5.39
C GLY A 73 39.82 4.84 -4.19
N ALA A 74 39.76 4.23 -3.02
CA ALA A 74 40.27 4.87 -1.82
C ALA A 74 40.89 3.77 -0.98
N PRO A 75 41.71 4.07 0.03
CA PRO A 75 42.10 3.09 1.05
C PRO A 75 40.89 2.69 1.89
N LEU A 76 40.78 1.43 2.29
CA LEU A 76 39.63 0.92 3.03
C LEU A 76 39.24 1.86 4.14
N ALA A 77 40.25 2.33 4.85
CA ALA A 77 40.01 3.22 5.96
C ALA A 77 39.82 4.65 5.51
N LYS A 78 40.28 5.08 4.35
CA LYS A 78 40.00 6.43 3.94
C LYS A 78 38.95 6.38 2.82
N GLY A 79 37.89 5.59 2.97
CA GLY A 79 36.84 5.52 1.98
C GLY A 79 36.52 4.16 1.38
N GLY A 80 37.52 3.40 0.95
CA GLY A 80 37.34 2.11 0.31
C GLY A 80 36.36 1.14 0.98
N LEU A 81 36.12 1.14 2.29
CA LEU A 81 35.22 0.15 2.88
C LEU A 81 33.75 0.48 2.68
N TRP A 82 33.41 1.77 2.51
CA TRP A 82 32.06 2.15 2.14
C TRP A 82 31.88 1.60 0.74
N GLN A 83 32.83 1.81 -0.17
CA GLN A 83 32.76 1.28 -1.53
C GLN A 83 32.51 -0.25 -1.57
N ILE A 84 33.27 -1.08 -0.85
CA ILE A 84 33.05 -2.52 -0.86
C ILE A 84 31.69 -2.90 -0.28
N ILE A 85 31.30 -2.24 0.81
CA ILE A 85 30.02 -2.51 1.44
C ILE A 85 28.93 -2.13 0.47
N THR A 86 29.04 -1.08 -0.34
CA THR A 86 28.01 -0.75 -1.32
C THR A 86 27.81 -1.92 -2.28
N ILE A 87 28.90 -2.49 -2.80
CA ILE A 87 28.84 -3.60 -3.74
C ILE A 87 28.09 -4.76 -3.08
N CYS A 88 28.35 -5.06 -1.81
CA CYS A 88 27.63 -6.13 -1.14
C CYS A 88 26.20 -5.75 -0.89
N ALA A 89 25.89 -4.48 -0.64
CA ALA A 89 24.50 -4.04 -0.47
C ALA A 89 23.76 -4.19 -1.81
N THR A 90 24.15 -3.53 -2.92
CA THR A 90 23.54 -3.72 -4.21
C THR A 90 23.45 -5.18 -4.62
N GLY A 91 24.48 -5.99 -4.41
CA GLY A 91 24.42 -7.39 -4.73
C GLY A 91 23.35 -8.08 -3.90
N ALA A 92 23.27 -7.81 -2.60
CA ALA A 92 22.31 -8.48 -1.72
C ALA A 92 20.87 -8.03 -1.90
N PHE A 93 20.67 -6.84 -2.47
CA PHE A 93 19.34 -6.33 -2.76
C PHE A 93 18.84 -6.99 -4.04
N VAL A 94 19.67 -6.94 -5.09
CA VAL A 94 19.34 -7.53 -6.37
C VAL A 94 19.14 -9.04 -6.19
N SER A 95 19.83 -9.75 -5.30
CA SER A 95 19.59 -11.17 -5.11
C SER A 95 18.20 -11.33 -4.50
N TRP A 96 17.87 -10.59 -3.47
CA TRP A 96 16.58 -10.68 -2.82
C TRP A 96 15.41 -10.49 -3.78
N ALA A 97 15.48 -9.52 -4.70
CA ALA A 97 14.48 -9.29 -5.76
C ALA A 97 14.36 -10.56 -6.61
N LEU A 98 15.46 -11.03 -7.16
CA LEU A 98 15.49 -12.26 -7.92
C LEU A 98 15.26 -13.52 -7.09
N ARG A 99 15.16 -13.40 -5.78
CA ARG A 99 14.79 -14.50 -4.89
C ARG A 99 13.27 -14.51 -5.00
N GLU A 100 12.64 -13.34 -4.88
CA GLU A 100 11.20 -13.17 -4.97
C GLU A 100 10.72 -13.66 -6.33
N VAL A 101 11.41 -13.28 -7.42
CA VAL A 101 11.06 -13.71 -8.76
C VAL A 101 10.95 -15.23 -8.76
N GLU A 102 11.90 -15.97 -8.18
CA GLU A 102 11.80 -17.42 -8.13
C GLU A 102 10.65 -17.91 -7.26
N ILE A 103 10.37 -17.39 -6.06
CA ILE A 103 9.23 -17.87 -5.29
C ILE A 103 7.96 -17.63 -6.10
N CYS A 104 7.84 -16.48 -6.80
CA CYS A 104 6.68 -16.17 -7.64
C CYS A 104 6.34 -17.28 -8.62
N ARG A 105 7.33 -17.67 -9.44
CA ARG A 105 7.16 -18.74 -10.42
C ARG A 105 6.59 -20.00 -9.75
N LYS A 106 7.19 -20.45 -8.66
CA LYS A 106 6.73 -21.62 -7.97
C LYS A 106 5.31 -21.47 -7.44
N LEU A 107 4.92 -20.26 -7.04
CA LEU A 107 3.58 -20.06 -6.53
C LEU A 107 2.55 -19.78 -7.62
N GLY A 108 3.01 -19.77 -8.87
CA GLY A 108 2.19 -19.45 -10.04
C GLY A 108 1.60 -18.04 -9.90
N ILE A 109 2.35 -17.14 -9.24
CA ILE A 109 1.90 -15.81 -8.90
C ILE A 109 2.53 -14.74 -9.79
N GLY A 110 2.00 -13.54 -9.63
CA GLY A 110 2.45 -12.42 -10.40
C GLY A 110 3.63 -11.64 -9.85
N TYR A 111 4.49 -11.39 -10.82
CA TYR A 111 5.66 -10.53 -10.78
C TYR A 111 5.55 -9.16 -10.08
N HIS A 112 4.46 -8.69 -9.48
CA HIS A 112 4.35 -7.31 -9.05
C HIS A 112 5.21 -6.90 -7.88
N ILE A 113 5.37 -7.77 -6.87
CA ILE A 113 6.20 -7.43 -5.71
C ILE A 113 7.64 -7.17 -6.15
N PRO A 114 8.45 -8.03 -6.81
CA PRO A 114 9.79 -7.67 -7.25
C PRO A 114 9.83 -6.38 -8.03
N PHE A 115 8.83 -6.14 -8.88
CA PHE A 115 8.78 -4.91 -9.64
C PHE A 115 8.64 -3.73 -8.69
N ALA A 116 7.87 -3.84 -7.62
CA ALA A 116 7.74 -2.75 -6.68
C ALA A 116 9.04 -2.53 -5.90
N PHE A 117 9.69 -3.62 -5.47
CA PHE A 117 10.92 -3.55 -4.69
C PHE A 117 12.06 -2.88 -5.47
N ALA A 118 12.15 -3.16 -6.77
CA ALA A 118 13.12 -2.55 -7.66
C ALA A 118 13.08 -1.04 -7.55
N PHE A 119 11.98 -0.45 -7.13
CA PHE A 119 11.91 0.99 -7.01
C PHE A 119 12.65 1.48 -5.79
N ALA A 120 12.58 0.77 -4.66
CA ALA A 120 13.30 1.17 -3.47
C ALA A 120 14.79 1.07 -3.82
N ILE A 121 15.15 -0.01 -4.53
CA ILE A 121 16.51 -0.19 -5.00
C ILE A 121 16.91 1.01 -5.86
N LEU A 122 16.10 1.48 -6.82
CA LEU A 122 16.41 2.62 -7.69
C LEU A 122 16.67 3.86 -6.85
N ALA A 123 15.88 4.12 -5.82
CA ALA A 123 16.06 5.30 -4.98
C ALA A 123 17.42 5.25 -4.31
N TYR A 124 17.75 4.10 -3.74
CA TYR A 124 19.02 3.84 -3.07
C TYR A 124 20.19 4.08 -4.01
N LEU A 125 20.12 3.49 -5.18
CA LEU A 125 21.16 3.66 -6.14
C LEU A 125 21.20 5.07 -6.72
N THR A 126 20.17 5.91 -6.56
CA THR A 126 20.25 7.29 -6.98
C THR A 126 21.31 7.91 -6.09
N LEU A 127 21.04 7.94 -4.79
CA LEU A 127 21.90 8.54 -3.80
C LEU A 127 23.34 8.08 -3.78
N VAL A 128 23.53 6.78 -3.99
CA VAL A 128 24.81 6.10 -3.86
C VAL A 128 25.56 5.81 -5.16
N LEU A 129 24.96 5.70 -6.33
CA LEU A 129 25.71 5.34 -7.52
C LEU A 129 25.53 6.45 -8.54
N PHE A 130 24.29 6.78 -8.88
CA PHE A 130 24.02 7.74 -9.94
C PHE A 130 24.33 9.17 -9.52
N ARG A 131 23.73 9.84 -8.53
CA ARG A 131 24.04 11.24 -8.21
C ARG A 131 25.53 11.46 -7.91
N PRO A 132 26.28 10.64 -7.17
CA PRO A 132 27.72 10.77 -7.06
C PRO A 132 28.43 10.62 -8.40
N VAL A 133 28.24 9.55 -9.18
CA VAL A 133 28.93 9.43 -10.46
C VAL A 133 28.68 10.68 -11.29
N MET A 134 27.43 11.15 -11.31
CA MET A 134 27.05 12.36 -12.03
C MET A 134 27.83 13.53 -11.55
N MET A 135 27.99 13.61 -10.24
CA MET A 135 28.69 14.73 -9.63
C MET A 135 30.19 14.50 -9.47
N GLY A 136 30.73 13.42 -10.02
CA GLY A 136 32.17 13.17 -10.03
C GLY A 136 32.81 12.63 -8.77
N ALA A 137 32.24 12.72 -7.57
CA ALA A 137 32.93 12.23 -6.39
C ALA A 137 32.11 11.29 -5.51
N TRP A 138 32.57 10.06 -5.21
CA TRP A 138 31.80 9.16 -4.38
C TRP A 138 31.48 9.76 -3.02
N GLY A 139 32.30 10.68 -2.53
CA GLY A 139 32.07 11.37 -1.27
C GLY A 139 30.75 12.12 -1.15
N TYR A 140 30.02 12.42 -2.24
CA TYR A 140 28.74 13.10 -2.09
C TYR A 140 27.66 12.16 -1.54
N ALA A 141 27.93 10.84 -1.58
CA ALA A 141 27.00 9.80 -1.17
C ALA A 141 26.81 9.77 0.32
N PHE A 142 25.96 8.94 0.88
CA PHE A 142 25.73 9.07 2.31
C PHE A 142 26.51 8.02 3.08
N PRO A 143 26.93 8.30 4.32
CA PRO A 143 27.53 7.36 5.23
C PRO A 143 26.55 6.36 5.81
N TYR A 144 27.02 5.14 5.91
CA TYR A 144 26.23 4.06 6.43
C TYR A 144 26.38 4.15 7.93
N GLY A 145 25.54 4.94 8.56
CA GLY A 145 25.54 5.03 10.00
C GLY A 145 24.17 5.47 10.47
N ILE A 146 23.62 4.84 11.51
CA ILE A 146 22.29 5.17 12.03
C ILE A 146 22.12 6.66 12.22
N TRP A 147 23.02 7.36 12.92
CA TRP A 147 22.85 8.80 13.01
C TRP A 147 23.54 9.58 11.91
N THR A 148 24.69 9.13 11.42
CA THR A 148 25.45 9.95 10.46
C THR A 148 24.78 10.12 9.09
N HIS A 149 23.91 9.20 8.64
CA HIS A 149 23.19 9.47 7.42
C HIS A 149 22.20 10.62 7.65
N LEU A 150 21.57 10.83 8.80
CA LEU A 150 20.68 11.98 9.00
C LEU A 150 21.52 13.27 9.05
N ASP A 151 22.78 13.16 9.45
CA ASP A 151 23.73 14.27 9.43
C ASP A 151 23.90 14.63 7.94
N TRP A 152 24.18 13.64 7.07
CA TRP A 152 24.29 13.87 5.64
C TRP A 152 23.01 14.49 5.11
N VAL A 153 21.83 13.97 5.50
CA VAL A 153 20.53 14.44 5.06
C VAL A 153 20.40 15.93 5.35
N SER A 154 20.58 16.33 6.61
CA SER A 154 20.45 17.72 6.94
C SER A 154 21.48 18.58 6.22
N ASN A 155 22.73 18.15 6.05
CA ASN A 155 23.69 18.99 5.38
C ASN A 155 23.31 19.21 3.93
N THR A 156 23.06 18.18 3.11
CA THR A 156 22.65 18.31 1.72
C THR A 156 21.33 19.06 1.54
N GLY A 157 20.37 18.83 2.43
CA GLY A 157 19.15 19.60 2.42
C GLY A 157 19.48 21.09 2.53
N TYR A 158 20.14 21.41 3.64
CA TYR A 158 20.54 22.77 3.91
C TYR A 158 21.63 23.40 3.01
N THR A 159 22.38 22.60 2.22
CA THR A 159 23.32 23.16 1.26
C THR A 159 22.53 23.93 0.21
N TYR A 160 21.22 23.63 0.05
CA TYR A 160 20.36 24.32 -0.89
C TYR A 160 19.31 25.21 -0.23
N GLY A 161 19.55 25.60 1.00
CA GLY A 161 18.63 26.43 1.75
C GLY A 161 17.53 25.53 2.29
N ASN A 162 16.28 25.99 2.24
CA ASN A 162 15.15 25.17 2.67
C ASN A 162 14.79 24.30 1.45
N PHE A 163 15.12 23.02 1.55
CA PHE A 163 14.92 22.01 0.52
C PHE A 163 13.47 21.63 0.40
N HIS A 164 12.51 22.31 1.02
CA HIS A 164 11.11 22.04 0.74
C HIS A 164 10.85 22.52 -0.68
N TYR A 165 11.44 23.65 -1.02
CA TYR A 165 11.29 24.34 -2.28
C TYR A 165 11.71 23.57 -3.54
N ASN A 166 12.27 22.38 -3.43
CA ASN A 166 12.72 21.59 -4.57
C ASN A 166 11.45 20.98 -5.15
N PRO A 167 10.98 21.39 -6.34
CA PRO A 167 9.66 21.06 -6.87
C PRO A 167 9.33 19.57 -6.94
N ALA A 168 10.27 18.78 -7.46
CA ALA A 168 10.03 17.35 -7.56
C ALA A 168 9.94 16.71 -6.19
N HIS A 169 10.56 17.37 -5.20
CA HIS A 169 10.53 16.93 -3.81
C HIS A 169 9.14 17.24 -3.27
N MET A 170 8.62 18.44 -3.50
CA MET A 170 7.29 18.84 -3.06
C MET A 170 6.23 17.82 -3.45
N ILE A 171 6.22 17.39 -4.73
CA ILE A 171 5.23 16.42 -5.18
C ILE A 171 5.53 15.01 -4.67
N ALA A 172 6.80 14.62 -4.50
CA ALA A 172 7.15 13.34 -3.89
C ALA A 172 6.52 13.28 -2.52
N ILE A 173 6.58 14.39 -1.79
CA ILE A 173 6.01 14.49 -0.45
C ILE A 173 4.51 14.34 -0.57
N SER A 174 3.94 15.00 -1.58
CA SER A 174 2.50 14.95 -1.80
C SER A 174 1.99 13.53 -1.96
N PHE A 175 2.69 12.69 -2.73
CA PHE A 175 2.35 11.29 -2.76
C PHE A 175 2.60 10.68 -1.38
N PHE A 176 3.73 10.80 -0.66
CA PHE A 176 3.90 10.19 0.66
C PHE A 176 2.74 10.47 1.61
N PHE A 177 2.27 11.70 1.60
CA PHE A 177 1.15 12.10 2.43
C PHE A 177 -0.14 11.48 1.92
N THR A 178 -0.39 11.40 0.60
CA THR A 178 -1.63 10.84 0.09
C THR A 178 -1.59 9.36 0.35
N ASN A 179 -0.55 8.62 -0.02
CA ASN A 179 -0.44 7.20 0.23
C ASN A 179 -0.68 6.85 1.67
N ALA A 180 -0.30 7.63 2.67
CA ALA A 180 -0.55 7.23 4.06
C ALA A 180 -2.04 7.29 4.36
N LEU A 181 -2.70 8.33 3.84
CA LEU A 181 -4.14 8.55 3.92
C LEU A 181 -4.79 7.36 3.21
N ALA A 182 -4.36 7.02 2.00
CA ALA A 182 -4.92 5.90 1.27
C ALA A 182 -4.80 4.60 2.04
N LEU A 183 -3.75 4.38 2.82
CA LEU A 183 -3.59 3.15 3.60
C LEU A 183 -4.53 3.14 4.79
N ALA A 184 -4.53 4.19 5.61
CA ALA A 184 -5.41 4.31 6.76
C ALA A 184 -6.82 4.03 6.29
N LEU A 185 -7.31 4.73 5.23
CA LEU A 185 -8.67 4.57 4.65
C LEU A 185 -8.94 3.18 4.15
N HIS A 186 -8.08 2.60 3.32
CA HIS A 186 -8.32 1.27 2.84
C HIS A 186 -8.41 0.18 3.90
N GLY A 187 -7.49 0.14 4.84
CA GLY A 187 -7.49 -0.89 5.87
C GLY A 187 -8.73 -0.72 6.72
N ALA A 188 -8.96 0.53 7.09
CA ALA A 188 -10.12 0.83 7.89
C ALA A 188 -11.38 0.49 7.12
N LEU A 189 -11.43 0.54 5.78
CA LEU A 189 -12.65 0.22 5.06
C LEU A 189 -12.93 -1.27 5.21
N VAL A 190 -11.99 -2.15 4.86
CA VAL A 190 -12.23 -3.59 4.92
C VAL A 190 -12.63 -4.00 6.35
N LEU A 191 -11.98 -3.48 7.37
CA LEU A 191 -12.38 -3.78 8.74
C LEU A 191 -13.70 -3.10 9.13
N SER A 192 -14.22 -2.12 8.39
CA SER A 192 -15.56 -1.58 8.64
C SER A 192 -16.45 -2.74 8.22
N ALA A 193 -16.08 -3.41 7.13
CA ALA A 193 -16.91 -4.47 6.59
C ALA A 193 -16.79 -5.80 7.28
N ALA A 194 -15.61 -6.43 7.34
CA ALA A 194 -15.46 -7.73 7.98
C ALA A 194 -15.87 -7.78 9.44
N ASN A 195 -15.91 -6.65 10.13
CA ASN A 195 -16.21 -6.62 11.55
C ASN A 195 -17.31 -5.61 11.89
N PRO A 196 -18.55 -5.85 11.47
CA PRO A 196 -19.62 -4.87 11.46
C PRO A 196 -20.06 -4.59 12.88
N GLU A 197 -20.98 -3.63 13.00
CA GLU A 197 -21.54 -3.17 14.26
C GLU A 197 -22.06 -4.31 15.14
N LYS A 198 -21.13 -4.96 15.86
CA LYS A 198 -21.36 -6.05 16.81
C LYS A 198 -22.05 -7.32 16.29
N GLY A 199 -23.38 -7.48 16.40
CA GLY A 199 -24.01 -8.73 16.00
C GLY A 199 -24.46 -8.74 14.55
N LYS A 200 -23.94 -7.84 13.73
CA LYS A 200 -24.38 -7.78 12.35
C LYS A 200 -23.66 -8.85 11.54
N GLU A 201 -24.31 -9.19 10.45
CA GLU A 201 -23.73 -10.08 9.48
C GLU A 201 -22.66 -9.26 8.78
N MET A 202 -21.60 -9.96 8.38
CA MET A 202 -20.54 -9.37 7.58
C MET A 202 -21.13 -8.54 6.45
N ARG A 203 -20.42 -7.48 6.11
CA ARG A 203 -20.82 -6.66 5.01
C ARG A 203 -20.24 -7.19 3.72
N THR A 204 -20.52 -6.40 2.68
CA THR A 204 -20.23 -6.76 1.32
C THR A 204 -19.32 -5.71 0.73
N PRO A 205 -18.53 -5.98 -0.33
CA PRO A 205 -18.00 -4.96 -1.21
C PRO A 205 -19.08 -3.95 -1.52
N ASP A 206 -20.31 -4.33 -1.94
CA ASP A 206 -21.46 -3.44 -2.11
C ASP A 206 -21.60 -2.43 -0.98
N HIS A 207 -21.33 -2.82 0.28
CA HIS A 207 -21.41 -1.88 1.38
C HIS A 207 -20.22 -0.93 1.37
N GLU A 208 -19.05 -1.46 1.04
CA GLU A 208 -17.81 -0.71 0.99
C GLU A 208 -17.96 0.40 -0.03
N ASP A 209 -18.31 0.02 -1.26
CA ASP A 209 -18.49 0.93 -2.38
C ASP A 209 -19.55 1.96 -1.99
N THR A 210 -20.65 1.55 -1.37
CA THR A 210 -21.67 2.52 -0.99
C THR A 210 -21.19 3.49 0.09
N PHE A 211 -20.36 3.06 1.06
CA PHE A 211 -19.87 3.97 2.07
C PHE A 211 -19.05 5.08 1.43
N PHE A 212 -18.12 4.74 0.55
CA PHE A 212 -17.32 5.77 -0.05
C PHE A 212 -18.05 6.69 -1.00
N ARG A 213 -19.14 6.22 -1.62
CA ARG A 213 -19.94 7.13 -2.40
C ARG A 213 -20.68 8.05 -1.45
N ASP A 214 -21.22 7.64 -0.30
CA ASP A 214 -21.88 8.58 0.60
C ASP A 214 -20.98 9.69 1.15
N LEU A 215 -19.73 9.34 1.45
CA LEU A 215 -18.77 10.34 1.92
C LEU A 215 -18.34 11.23 0.77
N VAL A 216 -17.60 10.62 -0.16
CA VAL A 216 -16.97 11.34 -1.23
C VAL A 216 -17.86 11.58 -2.44
N GLY A 217 -18.56 10.54 -2.88
CA GLY A 217 -19.29 10.65 -4.13
C GLY A 217 -18.61 9.84 -5.23
N TYR A 218 -17.74 8.89 -4.89
CA TYR A 218 -17.14 7.97 -5.85
C TYR A 218 -16.57 6.85 -4.99
N SER A 219 -16.27 5.74 -5.64
CA SER A 219 -15.67 4.61 -5.01
C SER A 219 -14.93 3.98 -6.17
N ILE A 220 -13.60 3.96 -6.08
CA ILE A 220 -12.70 3.32 -7.03
C ILE A 220 -12.98 1.83 -6.80
N GLY A 221 -12.46 0.91 -7.58
CA GLY A 221 -12.78 -0.49 -7.34
C GLY A 221 -11.97 -1.09 -6.20
N THR A 222 -12.31 -2.32 -5.77
CA THR A 222 -11.53 -3.03 -4.76
C THR A 222 -10.20 -3.40 -5.40
N LEU A 223 -10.30 -3.83 -6.67
CA LEU A 223 -9.15 -4.05 -7.52
C LEU A 223 -8.47 -2.66 -7.61
N GLY A 224 -9.26 -1.67 -8.00
CA GLY A 224 -8.81 -0.30 -8.15
C GLY A 224 -8.01 0.24 -7.00
N ILE A 225 -8.38 0.06 -5.73
CA ILE A 225 -7.58 0.62 -4.66
C ILE A 225 -6.27 -0.12 -4.54
N HIS A 226 -6.17 -1.42 -4.79
CA HIS A 226 -4.87 -2.07 -4.74
C HIS A 226 -4.06 -1.57 -5.95
N ARG A 227 -4.64 -1.17 -7.09
CA ARG A 227 -3.86 -0.55 -8.17
C ARG A 227 -3.36 0.80 -7.67
N LEU A 228 -4.19 1.49 -6.90
CA LEU A 228 -3.86 2.77 -6.34
C LEU A 228 -2.74 2.67 -5.32
N GLY A 229 -2.68 1.69 -4.42
CA GLY A 229 -1.61 1.64 -3.45
C GLY A 229 -0.23 1.59 -4.07
N LEU A 230 -0.13 0.65 -5.01
CA LEU A 230 1.09 0.37 -5.72
C LEU A 230 1.55 1.63 -6.44
N LEU A 231 0.65 2.37 -7.08
CA LEU A 231 1.07 3.55 -7.78
C LEU A 231 1.42 4.73 -6.90
N LEU A 232 0.70 5.01 -5.82
CA LEU A 232 1.02 6.17 -5.02
C LEU A 232 2.42 6.00 -4.43
N SER A 233 2.73 4.82 -3.91
CA SER A 233 4.04 4.56 -3.32
C SER A 233 5.17 4.54 -4.34
N LEU A 234 5.05 3.83 -5.46
CA LEU A 234 6.10 3.90 -6.45
C LEU A 234 6.20 5.31 -7.08
N SER A 235 5.20 6.20 -7.03
CA SER A 235 5.40 7.55 -7.54
C SER A 235 6.16 8.34 -6.48
N ALA A 236 5.78 8.21 -5.21
CA ALA A 236 6.45 8.90 -4.13
C ALA A 236 7.93 8.60 -4.20
N VAL A 237 8.37 7.35 -4.30
CA VAL A 237 9.80 7.15 -4.40
C VAL A 237 10.33 7.43 -5.81
N PHE A 238 9.57 7.46 -6.92
CA PHE A 238 10.13 7.85 -8.21
C PHE A 238 10.49 9.34 -8.12
N PHE A 239 9.53 10.19 -7.77
CA PHE A 239 9.73 11.62 -7.70
C PHE A 239 10.75 11.97 -6.66
N SER A 240 10.84 11.19 -5.59
CA SER A 240 11.90 11.35 -4.63
C SER A 240 13.24 11.12 -5.33
N ALA A 241 13.42 10.03 -6.06
CA ALA A 241 14.66 9.79 -6.76
C ALA A 241 14.94 10.88 -7.80
N LEU A 242 13.94 11.53 -8.39
CA LEU A 242 14.20 12.59 -9.35
C LEU A 242 14.70 13.83 -8.61
N CYS A 243 14.04 14.15 -7.50
CA CYS A 243 14.32 15.30 -6.67
C CYS A 243 15.77 15.33 -6.24
N MET A 244 16.25 14.18 -5.83
CA MET A 244 17.62 14.04 -5.44
C MET A 244 18.53 13.61 -6.63
N ILE A 245 18.35 14.05 -7.87
CA ILE A 245 19.22 13.67 -9.01
C ILE A 245 19.35 14.91 -9.91
N ILE A 246 18.44 15.84 -9.72
CA ILE A 246 18.50 17.12 -10.38
C ILE A 246 19.31 18.08 -9.50
N THR A 247 19.12 18.02 -8.18
CA THR A 247 19.86 18.83 -7.23
C THR A 247 21.30 18.33 -7.27
N GLY A 248 22.21 19.30 -7.37
CA GLY A 248 23.62 19.00 -7.49
C GLY A 248 24.01 18.86 -8.96
N THR A 249 23.30 18.11 -9.79
CA THR A 249 23.66 18.00 -11.20
C THR A 249 23.21 19.12 -12.11
N ILE A 250 22.03 19.70 -11.96
CA ILE A 250 21.61 20.77 -12.85
C ILE A 250 21.20 21.94 -11.99
N TRP A 251 20.72 21.75 -10.76
CA TRP A 251 20.46 22.93 -9.98
C TRP A 251 21.54 22.91 -8.91
N PHE A 252 22.32 23.99 -8.98
CA PHE A 252 23.45 24.12 -8.12
C PHE A 252 23.17 25.27 -7.16
N ASP A 253 21.91 25.67 -6.98
CA ASP A 253 21.62 26.92 -6.30
C ASP A 253 20.63 26.77 -5.15
N GLN A 254 20.47 27.82 -4.36
CA GLN A 254 19.56 27.85 -3.22
C GLN A 254 18.18 27.73 -3.84
N TRP A 255 17.48 26.65 -3.51
CA TRP A 255 16.20 26.35 -4.14
C TRP A 255 15.16 27.44 -4.17
N VAL A 256 15.16 28.39 -3.23
CA VAL A 256 14.17 29.48 -3.18
C VAL A 256 14.15 30.26 -4.49
N ASP A 257 15.35 30.36 -5.11
CA ASP A 257 15.47 31.15 -6.31
C ASP A 257 14.89 30.52 -7.54
N TRP A 258 14.47 29.26 -7.53
CA TRP A 258 13.81 28.63 -8.68
C TRP A 258 12.56 29.43 -9.03
N TRP A 259 11.64 29.44 -8.08
CA TRP A 259 10.31 30.01 -8.21
C TRP A 259 10.22 31.43 -8.73
N GLN A 260 11.32 32.19 -8.72
CA GLN A 260 11.30 33.56 -9.23
C GLN A 260 11.05 33.52 -10.74
N TRP A 261 11.31 32.39 -11.41
CA TRP A 261 10.98 32.19 -12.82
C TRP A 261 9.54 32.65 -13.09
N TRP A 262 8.66 32.33 -12.15
CA TRP A 262 7.26 32.66 -12.24
C TRP A 262 7.10 34.10 -11.83
N VAL A 263 7.89 34.56 -10.88
CA VAL A 263 7.62 35.85 -10.31
C VAL A 263 7.85 37.03 -11.26
N LYS A 264 8.32 36.95 -12.51
CA LYS A 264 8.51 38.19 -13.29
C LYS A 264 8.26 38.27 -14.81
N LEU A 265 7.40 39.20 -15.29
CA LEU A 265 7.24 39.59 -16.71
C LEU A 265 6.14 40.56 -17.19
N PRO A 266 4.84 40.50 -16.90
CA PRO A 266 4.19 41.17 -15.77
C PRO A 266 4.60 40.81 -14.32
N ILE B 1 -3.59 -3.25 -13.20
CA ILE B 1 -2.77 -2.84 -14.34
C ILE B 1 -3.74 -1.78 -14.85
N PHE B 2 -4.33 -1.87 -16.04
CA PHE B 2 -5.37 -0.98 -16.53
C PHE B 2 -6.43 -1.94 -17.02
N SER B 3 -7.70 -1.57 -17.10
CA SER B 3 -8.71 -2.45 -17.66
C SER B 3 -8.46 -2.63 -19.15
N GLN B 4 -8.89 -3.74 -19.71
CA GLN B 4 -8.69 -3.95 -21.13
C GLN B 4 -9.95 -3.63 -21.89
N VAL B 5 -11.03 -4.07 -21.28
CA VAL B 5 -12.36 -3.92 -21.79
C VAL B 5 -13.03 -3.23 -20.61
N GLN B 6 -13.89 -2.26 -20.87
CA GLN B 6 -14.70 -1.70 -19.81
C GLN B 6 -16.11 -2.28 -20.00
N VAL B 7 -16.87 -2.57 -18.96
CA VAL B 7 -18.18 -3.14 -19.08
C VAL B 7 -19.02 -2.21 -18.24
N ARG B 8 -20.16 -1.84 -18.78
CA ARG B 8 -21.09 -0.99 -18.06
C ARG B 8 -22.43 -1.68 -18.16
N GLY B 9 -23.24 -1.27 -17.20
CA GLY B 9 -24.62 -1.61 -17.03
C GLY B 9 -25.25 -0.38 -16.39
N PRO B 10 -26.46 -0.40 -15.82
CA PRO B 10 -27.02 0.71 -15.07
C PRO B 10 -26.24 1.22 -13.83
N ALA B 11 -26.80 2.21 -13.14
CA ALA B 11 -26.19 2.81 -11.96
C ALA B 11 -26.42 2.01 -10.67
N ASP B 12 -25.67 2.22 -9.58
CA ASP B 12 -25.84 1.43 -8.38
C ASP B 12 -26.05 2.27 -7.14
N LEU B 13 -26.71 1.71 -6.12
CA LEU B 13 -26.96 2.33 -4.82
C LEU B 13 -27.18 1.18 -3.80
N GLY B 14 -26.17 0.70 -3.07
CA GLY B 14 -26.29 -0.46 -2.18
C GLY B 14 -26.68 -0.12 -0.75
N MET B 15 -27.76 0.67 -0.69
CA MET B 15 -28.39 1.29 0.48
C MET B 15 -27.52 2.47 0.96
N THR B 16 -27.95 3.70 0.62
CA THR B 16 -27.26 4.92 1.06
C THR B 16 -27.97 5.54 2.28
N GLU B 17 -28.45 4.65 3.15
CA GLU B 17 -29.31 4.87 4.30
C GLU B 17 -30.24 6.03 4.71
N ASP B 18 -30.30 6.41 6.00
CA ASP B 18 -31.38 7.23 6.56
C ASP B 18 -31.68 8.51 5.81
N VAL B 19 -32.98 8.74 5.80
CA VAL B 19 -33.65 9.85 5.14
C VAL B 19 -33.27 10.00 3.66
N ASN B 20 -32.60 9.00 3.04
CA ASN B 20 -32.29 8.93 1.61
C ASN B 20 -32.08 10.26 0.88
N LEU B 21 -31.17 10.97 1.55
CA LEU B 21 -30.64 12.23 1.08
C LEU B 21 -29.59 11.86 0.04
N ALA B 22 -29.03 10.67 0.22
CA ALA B 22 -27.98 10.17 -0.63
C ALA B 22 -28.42 9.70 -1.97
N ASN B 23 -28.62 10.73 -2.77
CA ASN B 23 -28.93 10.53 -4.16
C ASN B 23 -28.63 11.74 -4.97
N ARG B 24 -27.95 12.70 -4.35
CA ARG B 24 -27.55 13.85 -5.12
C ARG B 24 -26.57 13.29 -6.14
N SER B 25 -27.06 13.67 -7.31
CA SER B 25 -26.50 13.40 -8.62
C SER B 25 -27.03 12.07 -9.15
N GLY B 26 -27.13 10.97 -8.39
CA GLY B 26 -27.50 9.71 -8.99
C GLY B 26 -26.40 9.18 -9.90
N VAL B 27 -25.84 9.91 -10.87
CA VAL B 27 -24.79 9.40 -11.73
C VAL B 27 -24.05 10.52 -12.44
N GLY B 28 -23.07 10.07 -13.24
CA GLY B 28 -22.32 10.88 -14.15
C GLY B 28 -21.13 10.10 -14.70
N PRO B 29 -21.13 8.77 -15.02
CA PRO B 29 -19.95 7.93 -15.30
C PRO B 29 -18.81 8.43 -16.17
N PHE B 30 -17.57 8.29 -15.67
CA PHE B 30 -16.39 8.69 -16.42
C PHE B 30 -15.72 7.45 -17.00
N SER B 31 -15.64 7.19 -18.32
CA SER B 31 -15.07 5.93 -18.79
C SER B 31 -13.59 6.07 -19.05
N THR B 32 -13.26 6.61 -20.21
CA THR B 32 -11.91 6.84 -20.73
C THR B 32 -10.86 7.33 -19.73
N LEU B 33 -11.36 7.92 -18.66
CA LEU B 33 -10.48 8.29 -17.61
C LEU B 33 -10.83 7.39 -16.45
N LEU B 34 -11.66 7.73 -15.46
CA LEU B 34 -11.73 6.90 -14.27
C LEU B 34 -11.92 5.39 -14.43
N GLY B 35 -12.65 4.94 -15.43
CA GLY B 35 -12.89 3.52 -15.61
C GLY B 35 -11.70 2.72 -16.13
N TRP B 36 -10.60 3.28 -16.59
CA TRP B 36 -9.51 2.42 -17.06
C TRP B 36 -8.61 1.96 -15.94
N PHE B 37 -8.82 2.60 -14.81
CA PHE B 37 -8.03 2.34 -13.64
C PHE B 37 -8.97 1.79 -12.58
N GLY B 38 -9.96 2.62 -12.25
CA GLY B 38 -10.92 2.29 -11.21
C GLY B 38 -12.32 2.18 -11.74
N ASN B 39 -13.27 2.53 -10.88
CA ASN B 39 -14.65 2.39 -11.28
C ASN B 39 -15.01 3.63 -12.08
N ALA B 40 -16.04 3.58 -12.91
CA ALA B 40 -16.44 4.73 -13.68
C ALA B 40 -17.53 5.56 -13.02
N GLN B 41 -18.48 4.96 -12.31
CA GLN B 41 -19.61 5.67 -11.73
C GLN B 41 -19.21 6.80 -10.78
N LEU B 42 -19.65 8.00 -11.14
CA LEU B 42 -19.52 9.15 -10.30
C LEU B 42 -20.84 9.22 -9.53
N GLY B 43 -20.84 9.42 -8.22
CA GLY B 43 -22.06 9.58 -7.46
C GLY B 43 -22.81 8.27 -7.29
N PRO B 44 -23.92 8.23 -6.56
CA PRO B 44 -24.46 9.35 -5.78
C PRO B 44 -23.82 9.65 -4.42
N ILE B 45 -23.93 10.90 -3.99
CA ILE B 45 -23.37 11.37 -2.73
C ILE B 45 -24.47 11.56 -1.68
N TYR B 46 -24.17 11.67 -0.37
CA TYR B 46 -25.20 11.86 0.64
C TYR B 46 -25.50 13.29 1.07
N LEU B 47 -24.60 14.26 1.19
CA LEU B 47 -24.91 15.63 1.62
C LEU B 47 -25.73 16.00 2.87
N GLY B 48 -26.45 15.12 3.57
CA GLY B 48 -27.24 15.46 4.75
C GLY B 48 -26.58 16.35 5.80
N SER B 49 -27.21 17.51 5.99
CA SER B 49 -26.85 18.57 6.93
C SER B 49 -25.40 18.68 7.35
N LEU B 50 -24.78 17.80 8.15
CA LEU B 50 -23.37 17.89 8.51
C LEU B 50 -22.56 18.03 7.23
N GLY B 51 -22.89 17.32 6.15
CA GLY B 51 -22.20 17.45 4.87
C GLY B 51 -22.32 18.86 4.30
N VAL B 52 -23.47 19.47 4.55
CA VAL B 52 -23.68 20.85 4.12
C VAL B 52 -22.87 21.69 5.08
N LEU B 53 -22.82 21.37 6.38
CA LEU B 53 -22.12 22.16 7.37
C LEU B 53 -20.63 22.19 7.10
N SER B 54 -20.02 21.04 6.80
CA SER B 54 -18.64 20.98 6.41
C SER B 54 -18.48 21.85 5.17
N LEU B 55 -19.15 21.58 4.03
CA LEU B 55 -18.91 22.33 2.82
C LEU B 55 -19.13 23.81 3.00
N PHE B 56 -20.10 24.21 3.82
CA PHE B 56 -20.35 25.62 4.09
C PHE B 56 -19.16 26.22 4.82
N SER B 57 -18.73 25.65 5.94
CA SER B 57 -17.63 26.21 6.68
C SER B 57 -16.29 25.97 5.99
N GLY B 58 -16.19 24.93 5.19
CA GLY B 58 -14.96 24.61 4.50
C GLY B 58 -14.75 25.67 3.44
N LEU B 59 -15.81 25.91 2.69
CA LEU B 59 -15.76 26.91 1.65
C LEU B 59 -15.53 28.28 2.25
N MET B 60 -16.23 28.55 3.35
CA MET B 60 -16.15 29.80 4.04
C MET B 60 -14.71 30.04 4.47
N TRP B 61 -14.03 29.10 5.12
CA TRP B 61 -12.63 29.19 5.53
C TRP B 61 -11.81 29.57 4.32
N PHE B 62 -11.93 28.75 3.29
CA PHE B 62 -11.19 28.89 2.06
C PHE B 62 -11.35 30.25 1.37
N PHE B 63 -12.58 30.78 1.41
CA PHE B 63 -12.95 32.06 0.84
C PHE B 63 -12.39 33.20 1.69
N THR B 64 -12.44 33.09 3.03
CA THR B 64 -11.93 34.08 3.97
C THR B 64 -10.46 34.34 3.66
N ILE B 65 -9.69 33.26 3.60
CA ILE B 65 -8.27 33.33 3.28
C ILE B 65 -8.08 34.04 1.95
N GLY B 66 -8.96 33.73 1.00
CA GLY B 66 -8.96 34.38 -0.30
C GLY B 66 -9.18 35.88 -0.22
N ILE B 67 -10.11 36.44 0.56
CA ILE B 67 -10.34 37.88 0.55
C ILE B 67 -9.11 38.58 1.13
N TRP B 68 -8.43 37.97 2.10
CA TRP B 68 -7.23 38.54 2.66
C TRP B 68 -6.08 38.48 1.64
N PHE B 69 -5.96 37.39 0.87
CA PHE B 69 -4.96 37.28 -0.20
C PHE B 69 -5.12 38.37 -1.25
N TRP B 70 -6.38 38.63 -1.64
CA TRP B 70 -6.68 39.67 -2.61
C TRP B 70 -6.25 40.96 -1.96
N TYR B 71 -6.61 41.24 -0.69
CA TYR B 71 -6.15 42.45 -0.01
C TYR B 71 -4.63 42.53 -0.09
N GLN B 72 -3.91 41.43 0.11
CA GLN B 72 -2.47 41.50 -0.03
C GLN B 72 -2.07 41.94 -1.44
N ALA B 73 -2.70 41.44 -2.53
CA ALA B 73 -2.41 41.93 -3.88
C ALA B 73 -3.29 43.12 -4.28
N GLY B 74 -4.04 43.71 -3.31
CA GLY B 74 -4.98 44.81 -3.47
C GLY B 74 -6.34 44.36 -4.04
N TRP B 75 -6.13 44.00 -5.28
CA TRP B 75 -7.08 43.42 -6.20
C TRP B 75 -6.18 43.45 -7.41
N ASN B 76 -6.08 42.32 -8.07
CA ASN B 76 -5.39 42.24 -9.34
C ASN B 76 -5.49 40.84 -9.89
N PRO B 77 -5.51 40.60 -11.21
CA PRO B 77 -4.92 39.42 -11.82
C PRO B 77 -3.40 39.61 -11.72
N ALA B 78 -2.58 39.22 -12.71
CA ALA B 78 -1.14 39.42 -12.72
C ALA B 78 -0.53 39.11 -11.35
N VAL B 79 -0.45 40.16 -10.53
CA VAL B 79 0.11 40.15 -9.20
C VAL B 79 -0.49 39.04 -8.35
N PHE B 80 -1.81 38.89 -8.22
CA PHE B 80 -2.39 37.83 -7.41
C PHE B 80 -1.86 36.46 -7.83
N LEU B 81 -1.92 36.12 -9.11
CA LEU B 81 -1.47 34.83 -9.61
C LEU B 81 0.04 34.62 -9.46
N ARG B 82 0.76 35.76 -9.47
CA ARG B 82 2.20 35.77 -9.30
C ARG B 82 2.52 35.37 -7.87
N ASP B 83 1.95 36.09 -6.92
CA ASP B 83 2.34 35.90 -5.56
C ASP B 83 1.45 35.00 -4.73
N LEU B 84 0.67 34.12 -5.37
CA LEU B 84 -0.24 33.21 -4.66
C LEU B 84 0.41 32.42 -3.54
N PHE B 85 1.59 31.92 -3.84
CA PHE B 85 2.34 31.11 -2.90
C PHE B 85 2.87 31.91 -1.68
N PHE B 86 3.26 33.15 -2.02
CA PHE B 86 3.97 34.03 -1.11
C PHE B 86 3.05 34.84 -0.24
N PHE B 87 1.74 34.78 -0.47
CA PHE B 87 0.82 35.49 0.40
C PHE B 87 0.75 34.70 1.70
N SER B 88 0.09 35.21 2.73
CA SER B 88 -0.01 34.48 3.96
C SER B 88 -1.11 35.07 4.79
N LEU B 89 -1.45 34.23 5.74
CA LEU B 89 -2.45 34.52 6.72
C LEU B 89 -1.72 33.97 7.93
N GLU B 90 -0.81 34.79 8.44
CA GLU B 90 -0.06 34.46 9.65
C GLU B 90 -1.01 34.74 10.82
N PRO B 91 -0.90 34.09 12.00
CA PRO B 91 -1.79 34.27 13.16
C PRO B 91 -1.87 35.69 13.69
N PRO B 92 -2.31 35.99 14.91
CA PRO B 92 -1.76 37.10 15.66
C PRO B 92 -0.26 36.87 15.86
N ALA B 93 0.51 37.31 14.86
CA ALA B 93 1.95 37.05 14.81
C ALA B 93 2.85 38.25 14.48
N PRO B 94 2.80 39.46 15.08
CA PRO B 94 2.25 39.83 16.38
C PRO B 94 1.98 38.87 17.53
N GLU B 95 3.07 38.32 18.03
CA GLU B 95 3.02 37.29 19.04
C GLU B 95 2.65 37.78 20.43
N TYR B 96 1.51 38.42 20.66
CA TYR B 96 1.23 38.92 21.99
C TYR B 96 0.01 38.20 22.55
N GLY B 97 0.23 36.95 22.96
CA GLY B 97 -0.77 36.14 23.66
C GLY B 97 -1.80 35.35 22.85
N LEU B 98 -2.64 34.70 23.65
CA LEU B 98 -3.83 33.98 23.19
C LEU B 98 -4.95 35.00 22.97
N SER B 99 -4.75 36.09 23.71
CA SER B 99 -5.51 37.33 23.85
C SER B 99 -6.81 37.59 23.09
N PHE B 100 -7.64 36.56 23.20
CA PHE B 100 -8.96 36.37 22.59
C PHE B 100 -9.30 36.86 21.18
N ALA B 101 -8.91 38.06 20.75
CA ALA B 101 -9.14 38.52 19.40
C ALA B 101 -8.28 39.74 19.23
N ALA B 102 -7.41 39.57 18.24
CA ALA B 102 -6.50 40.62 17.81
C ALA B 102 -7.19 41.40 16.69
N PRO B 103 -6.83 42.66 16.37
CA PRO B 103 -7.24 43.36 15.14
C PRO B 103 -7.19 42.51 13.87
N LEU B 104 -8.15 42.78 12.96
CA LEU B 104 -8.30 42.04 11.70
C LEU B 104 -6.98 41.78 11.01
N LYS B 105 -6.23 42.72 10.43
CA LYS B 105 -4.92 42.34 9.94
C LYS B 105 -4.00 42.54 11.13
N GLU B 106 -3.83 41.49 11.92
CA GLU B 106 -2.96 41.41 13.10
C GLU B 106 -3.34 40.12 13.82
N GLY B 107 -4.55 39.60 13.58
CA GLY B 107 -4.95 38.34 14.17
C GLY B 107 -6.37 37.93 13.82
N GLY B 108 -7.29 38.90 13.69
CA GLY B 108 -8.70 38.66 13.39
C GLY B 108 -8.89 37.66 12.27
N LEU B 109 -8.27 38.00 11.15
CA LEU B 109 -8.29 37.22 9.94
C LEU B 109 -8.13 35.72 10.18
N TRP B 110 -7.05 35.38 10.91
CA TRP B 110 -6.66 34.02 11.19
C TRP B 110 -7.65 33.42 12.15
N LEU B 111 -8.04 34.03 13.25
CA LEU B 111 -8.92 33.37 14.21
C LEU B 111 -10.25 33.03 13.60
N ILE B 112 -10.76 33.97 12.80
CA ILE B 112 -12.00 33.84 12.06
C ILE B 112 -11.86 32.66 11.08
N ALA B 113 -10.85 32.65 10.20
CA ALA B 113 -10.68 31.56 9.26
C ALA B 113 -10.47 30.24 9.98
N SER B 114 -9.76 30.22 11.11
CA SER B 114 -9.54 29.00 11.87
C SER B 114 -10.84 28.46 12.43
N PHE B 115 -11.78 29.33 12.82
CA PHE B 115 -13.08 28.91 13.30
C PHE B 115 -13.80 28.05 12.26
N PHE B 116 -13.82 28.53 11.02
CA PHE B 116 -14.45 27.77 9.96
C PHE B 116 -13.64 26.50 9.76
N MET B 117 -12.30 26.49 9.69
CA MET B 117 -11.58 25.23 9.48
C MET B 117 -11.80 24.24 10.64
N PHE B 118 -12.04 24.75 11.85
CA PHE B 118 -12.26 23.91 13.01
C PHE B 118 -13.59 23.20 12.81
N VAL B 119 -14.65 23.97 12.55
CA VAL B 119 -15.98 23.41 12.33
C VAL B 119 -15.95 22.47 11.13
N ALA B 120 -15.48 22.87 9.96
CA ALA B 120 -15.48 22.03 8.77
C ALA B 120 -14.97 20.59 8.98
N VAL B 121 -13.85 20.51 9.69
CA VAL B 121 -13.18 19.23 9.90
C VAL B 121 -13.92 18.42 10.95
N TRP B 122 -14.38 19.05 12.04
CA TRP B 122 -15.04 18.29 13.07
C TRP B 122 -16.39 17.76 12.61
N SER B 123 -17.13 18.54 11.83
CA SER B 123 -18.41 18.08 11.32
C SER B 123 -18.11 16.95 10.36
N TRP B 124 -17.09 17.05 9.50
CA TRP B 124 -16.76 15.95 8.64
C TRP B 124 -16.38 14.70 9.42
N TRP B 125 -15.85 14.80 10.64
CA TRP B 125 -15.61 13.61 11.47
C TRP B 125 -16.96 12.96 11.75
N GLY B 126 -17.86 13.82 12.24
CA GLY B 126 -19.21 13.45 12.63
C GLY B 126 -19.84 12.66 11.52
N ARG B 127 -19.73 13.20 10.32
CA ARG B 127 -20.22 12.56 9.11
C ARG B 127 -19.68 11.13 9.00
N THR B 128 -18.36 10.95 9.01
CA THR B 128 -17.74 9.64 8.86
C THR B 128 -18.19 8.62 9.93
N TYR B 129 -18.65 9.08 11.11
CA TYR B 129 -19.19 8.18 12.12
C TYR B 129 -20.56 7.74 11.64
N LEU B 130 -21.40 8.73 11.34
CA LEU B 130 -22.78 8.51 10.93
C LEU B 130 -22.98 7.69 9.68
N ARG B 131 -22.27 8.03 8.61
CA ARG B 131 -22.33 7.32 7.35
C ARG B 131 -21.96 5.87 7.52
N ALA B 132 -21.09 5.60 8.50
CA ALA B 132 -20.69 4.25 8.81
C ALA B 132 -21.76 3.50 9.59
N GLN B 133 -22.34 4.17 10.59
CA GLN B 133 -23.35 3.62 11.48
C GLN B 133 -24.52 3.08 10.68
N ALA B 134 -25.03 3.98 9.83
CA ALA B 134 -26.14 3.74 8.94
C ALA B 134 -25.93 2.53 8.05
N LEU B 135 -24.74 2.20 7.56
CA LEU B 135 -24.60 0.98 6.78
C LEU B 135 -24.16 -0.20 7.64
N GLY B 136 -24.33 -0.06 8.96
CA GLY B 136 -23.97 -1.02 9.97
C GLY B 136 -22.51 -1.42 9.95
N MET B 137 -21.65 -0.51 9.56
CA MET B 137 -20.23 -0.79 9.35
C MET B 137 -19.37 -0.78 10.61
N GLY B 138 -19.49 0.23 11.45
CA GLY B 138 -18.57 0.35 12.57
C GLY B 138 -17.41 1.30 12.23
N LYS B 139 -17.14 2.11 13.27
CA LYS B 139 -16.18 3.21 13.34
C LYS B 139 -14.81 3.21 12.65
N HIS B 140 -14.18 2.11 12.21
CA HIS B 140 -12.82 2.11 11.68
C HIS B 140 -12.26 3.29 10.89
N THR B 141 -12.99 3.83 9.93
CA THR B 141 -12.58 4.99 9.15
C THR B 141 -12.52 6.16 10.16
N ALA B 142 -13.48 6.37 11.05
CA ALA B 142 -13.41 7.42 12.05
C ALA B 142 -12.72 6.88 13.32
N TRP B 143 -11.72 6.02 13.18
CA TRP B 143 -10.84 5.56 14.23
C TRP B 143 -9.66 6.31 13.63
N ALA B 144 -9.23 5.81 12.49
CA ALA B 144 -8.13 6.33 11.72
C ALA B 144 -8.11 7.84 11.58
N PHE B 145 -9.18 8.47 11.11
CA PHE B 145 -9.21 9.90 10.92
C PHE B 145 -8.90 10.65 12.22
N LEU B 146 -9.16 10.11 13.41
CA LEU B 146 -8.77 10.80 14.63
C LEU B 146 -7.27 10.97 14.79
N SER B 147 -6.35 10.10 14.36
CA SER B 147 -4.96 10.44 14.57
C SER B 147 -4.63 11.61 13.63
N ALA B 148 -5.26 11.73 12.45
CA ALA B 148 -5.07 12.85 11.54
C ALA B 148 -5.51 14.13 12.23
N ILE B 149 -6.69 14.04 12.82
CA ILE B 149 -7.24 15.14 13.58
C ILE B 149 -6.35 15.47 14.76
N TRP B 150 -5.69 14.49 15.39
CA TRP B 150 -4.74 14.69 16.48
C TRP B 150 -3.58 15.58 16.04
N LEU B 151 -2.88 15.25 14.94
CA LEU B 151 -1.78 16.07 14.48
C LEU B 151 -2.28 17.47 14.12
N TRP B 152 -3.44 17.60 13.47
CA TRP B 152 -4.01 18.91 13.13
C TRP B 152 -4.25 19.73 14.43
N MET B 153 -4.92 19.11 15.40
CA MET B 153 -5.25 19.74 16.66
C MET B 153 -4.03 20.11 17.48
N VAL B 154 -2.95 19.30 17.47
CA VAL B 154 -1.77 19.69 18.23
C VAL B 154 -1.08 20.79 17.47
N LEU B 155 -0.96 20.81 16.15
CA LEU B 155 -0.31 21.93 15.47
C LEU B 155 -1.05 23.26 15.50
N GLY B 156 -2.34 23.33 15.80
CA GLY B 156 -3.01 24.61 15.75
C GLY B 156 -3.78 25.00 16.99
N PHE B 157 -4.41 24.08 17.69
CA PHE B 157 -5.24 24.51 18.78
C PHE B 157 -4.46 24.27 20.06
N ILE B 158 -4.25 22.97 20.35
CA ILE B 158 -3.68 22.55 21.62
C ILE B 158 -2.23 23.00 21.87
N ARG B 159 -1.23 22.94 20.98
CA ARG B 159 0.06 23.48 21.35
C ARG B 159 -0.03 25.00 21.47
N PRO B 160 -0.47 25.90 20.58
CA PRO B 160 -0.66 27.34 20.86
C PRO B 160 -1.36 27.67 22.17
N ILE B 161 -2.28 26.83 22.66
CA ILE B 161 -2.83 27.14 23.94
C ILE B 161 -1.86 26.55 24.94
N LEU B 162 -1.20 25.41 24.77
CA LEU B 162 -0.20 24.93 25.74
C LEU B 162 1.00 25.86 25.85
N MET B 163 1.17 26.77 24.88
CA MET B 163 2.22 27.75 24.88
C MET B 163 1.71 29.14 25.30
N GLY B 164 0.44 29.31 25.61
CA GLY B 164 -0.11 30.62 25.99
C GLY B 164 -0.17 31.66 24.87
N SER B 165 -0.03 31.28 23.59
CA SER B 165 -0.05 32.21 22.48
C SER B 165 -0.45 31.64 21.13
N TRP B 166 -1.42 32.28 20.46
CA TRP B 166 -1.85 31.82 19.14
C TRP B 166 -0.78 31.87 18.10
N SER B 167 0.26 32.67 18.32
CA SER B 167 1.43 32.81 17.46
C SER B 167 2.18 31.51 17.14
N GLU B 168 2.08 30.52 18.02
CA GLU B 168 2.73 29.25 17.80
C GLU B 168 2.00 28.33 16.82
N ALA B 169 1.00 28.84 16.11
CA ALA B 169 0.21 28.05 15.19
C ALA B 169 0.65 28.24 13.77
N VAL B 170 0.13 27.40 12.88
CA VAL B 170 0.59 27.38 11.52
C VAL B 170 -0.18 28.42 10.72
N PRO B 171 0.46 29.17 9.85
CA PRO B 171 -0.15 30.09 8.90
C PRO B 171 -0.96 29.45 7.79
N TYR B 172 -1.79 30.22 7.10
CA TYR B 172 -2.54 29.69 5.97
C TYR B 172 -1.89 30.29 4.74
N GLY B 173 -0.95 29.56 4.16
CA GLY B 173 -0.23 30.03 2.99
C GLY B 173 0.62 28.87 2.49
N ILE B 174 0.88 28.80 1.19
CA ILE B 174 1.61 27.68 0.60
C ILE B 174 3.04 27.73 1.08
N PHE B 175 3.79 28.76 0.70
CA PHE B 175 5.16 28.89 1.11
C PHE B 175 5.32 29.10 2.62
N SER B 176 4.46 29.90 3.26
CA SER B 176 4.50 30.05 4.71
C SER B 176 4.59 28.74 5.49
N HIS B 177 3.81 27.73 5.15
CA HIS B 177 3.81 26.53 5.97
C HIS B 177 5.11 25.75 5.69
N LEU B 178 5.65 25.77 4.47
CA LEU B 178 6.94 25.15 4.22
C LEU B 178 8.06 25.77 5.10
N ASP B 179 7.97 27.06 5.38
CA ASP B 179 8.93 27.76 6.20
C ASP B 179 8.66 27.51 7.65
N TRP B 180 7.43 27.66 8.16
CA TRP B 180 7.10 27.40 9.55
C TRP B 180 7.67 26.05 10.02
N THR B 181 7.47 25.03 9.18
CA THR B 181 7.98 23.69 9.42
C THR B 181 9.52 23.68 9.51
N ASN B 182 10.23 24.48 8.72
CA ASN B 182 11.68 24.54 8.78
C ASN B 182 12.11 25.25 10.06
N ASN B 183 11.63 26.46 10.29
CA ASN B 183 11.97 27.19 11.51
C ASN B 183 11.63 26.41 12.77
N PHE B 184 10.53 25.69 12.87
CA PHE B 184 10.22 24.90 14.04
C PHE B 184 11.36 23.91 14.33
N SER B 185 12.03 23.38 13.30
CA SER B 185 13.17 22.50 13.44
C SER B 185 14.31 23.28 14.07
N LEU B 186 14.69 24.38 13.43
CA LEU B 186 15.73 25.29 13.89
C LEU B 186 15.59 25.68 15.35
N VAL B 187 14.43 26.19 15.75
CA VAL B 187 14.27 26.65 17.11
C VAL B 187 13.93 25.50 18.05
N HIS B 188 14.01 24.22 17.65
CA HIS B 188 13.83 23.18 18.65
C HIS B 188 15.01 22.24 18.72
N GLY B 189 16.15 22.80 18.36
CA GLY B 189 17.43 22.12 18.45
C GLY B 189 17.53 20.91 17.56
N ASN B 190 17.30 21.16 16.27
CA ASN B 190 17.39 20.15 15.23
C ASN B 190 16.48 18.96 15.52
N LEU B 191 15.22 19.07 15.07
CA LEU B 191 14.12 18.13 15.33
C LEU B 191 14.41 16.67 14.99
N PHE B 192 15.48 16.34 14.27
CA PHE B 192 15.83 14.94 14.01
C PHE B 192 16.13 14.12 15.28
N TYR B 193 16.68 14.74 16.31
CA TYR B 193 16.91 14.05 17.56
C TYR B 193 15.60 14.02 18.36
N ASN B 194 14.41 14.32 17.80
CA ASN B 194 13.16 14.23 18.54
C ASN B 194 12.72 12.79 18.35
N PRO B 195 12.74 11.94 19.38
CA PRO B 195 12.55 10.49 19.24
C PRO B 195 11.24 10.14 18.50
N PHE B 196 10.21 10.97 18.68
CA PHE B 196 8.95 10.76 18.04
C PHE B 196 9.10 11.05 16.57
N LEU B 197 9.69 12.14 16.08
CA LEU B 197 9.83 12.38 14.64
C LEU B 197 10.55 11.19 13.99
N GLY B 198 11.52 10.57 14.64
CA GLY B 198 12.19 9.39 14.12
C GLY B 198 11.23 8.23 13.92
N LEU B 199 10.28 7.99 14.85
CA LEU B 199 9.29 6.94 14.70
C LEU B 199 8.34 7.37 13.58
N SER B 200 7.79 8.61 13.57
CA SER B 200 6.95 9.05 12.48
C SER B 200 7.59 8.82 11.15
N ILE B 201 8.83 9.19 10.91
CA ILE B 201 9.45 8.92 9.63
C ILE B 201 9.51 7.41 9.41
N ALA B 202 9.77 6.61 10.45
CA ALA B 202 9.83 5.18 10.26
C ALA B 202 8.51 4.59 9.80
N PHE B 203 7.41 5.17 10.30
CA PHE B 203 6.08 4.73 9.93
C PHE B 203 5.66 5.34 8.62
N LEU B 204 5.91 6.61 8.29
CA LEU B 204 5.54 7.19 7.00
C LEU B 204 6.26 6.42 5.88
N TYR B 205 7.51 6.00 6.08
CA TYR B 205 8.23 5.18 5.12
C TYR B 205 7.59 3.79 5.10
N GLY B 206 7.29 3.29 6.30
CA GLY B 206 6.66 2.00 6.51
C GLY B 206 5.33 1.90 5.79
N SER B 207 4.48 2.93 5.78
CA SER B 207 3.24 2.97 5.03
C SER B 207 3.59 2.82 3.55
N ALA B 208 4.43 3.62 2.85
CA ALA B 208 4.80 3.35 1.45
C ALA B 208 5.53 2.01 1.24
N LEU B 209 6.00 1.36 2.31
CA LEU B 209 6.51 0.01 2.22
C LEU B 209 5.31 -0.92 2.14
N LEU B 210 4.36 -0.74 3.08
CA LEU B 210 3.23 -1.62 3.23
C LEU B 210 2.13 -1.48 2.19
N PHE B 211 1.72 -0.30 1.70
CA PHE B 211 0.74 -0.29 0.65
C PHE B 211 1.41 -0.77 -0.63
N ALA B 212 2.69 -0.51 -0.88
CA ALA B 212 3.39 -1.03 -2.07
C ALA B 212 3.44 -2.55 -2.06
N MET B 213 3.72 -3.09 -0.88
CA MET B 213 3.73 -4.52 -0.69
C MET B 213 2.34 -5.11 -0.83
N HIS B 214 1.36 -4.66 -0.03
CA HIS B 214 -0.02 -5.12 -0.10
C HIS B 214 -0.57 -5.04 -1.54
N GLY B 215 -0.55 -3.82 -2.10
CA GLY B 215 -1.00 -3.53 -3.46
C GLY B 215 -0.39 -4.51 -4.43
N ALA B 216 0.92 -4.66 -4.38
CA ALA B 216 1.56 -5.58 -5.27
C ALA B 216 1.11 -7.02 -5.01
N THR B 217 0.88 -7.49 -3.76
CA THR B 217 0.51 -8.90 -3.56
C THR B 217 -0.91 -9.08 -4.08
N ILE B 218 -1.94 -8.24 -3.80
CA ILE B 218 -3.30 -8.46 -4.32
C ILE B 218 -3.30 -8.46 -5.84
N LEU B 219 -2.65 -7.49 -6.47
CA LEU B 219 -2.52 -7.48 -7.91
C LEU B 219 -1.78 -8.69 -8.45
N ALA B 220 -1.00 -9.38 -7.65
CA ALA B 220 -0.32 -10.58 -8.10
C ALA B 220 -1.25 -11.77 -7.87
N VAL B 221 -2.20 -11.62 -6.96
CA VAL B 221 -3.14 -12.67 -6.65
C VAL B 221 -4.55 -12.32 -7.22
N SER B 222 -4.54 -11.41 -8.19
CA SER B 222 -5.69 -10.93 -8.96
C SER B 222 -6.38 -12.05 -9.71
N ARG B 223 -5.59 -12.87 -10.40
CA ARG B 223 -6.09 -13.96 -11.19
C ARG B 223 -6.66 -15.13 -10.41
N PHE B 224 -6.87 -15.00 -9.10
CA PHE B 224 -7.59 -16.02 -8.34
C PHE B 224 -8.60 -15.24 -7.50
N GLY B 225 -9.01 -14.05 -7.97
CA GLY B 225 -10.00 -13.22 -7.29
C GLY B 225 -9.55 -12.71 -5.94
N GLY B 226 -8.24 -12.49 -5.75
CA GLY B 226 -7.71 -11.98 -4.51
C GLY B 226 -8.29 -10.63 -4.10
N GLU B 227 -8.60 -9.70 -5.02
CA GLU B 227 -9.18 -8.40 -4.65
C GLU B 227 -10.49 -8.49 -3.89
N ARG B 228 -11.10 -9.68 -3.84
CA ARG B 228 -12.36 -9.93 -3.16
C ARG B 228 -12.00 -10.20 -1.70
N GLU B 229 -11.29 -9.27 -1.06
CA GLU B 229 -10.75 -9.46 0.27
C GLU B 229 -11.78 -9.97 1.25
N LEU B 230 -12.89 -9.25 1.34
CA LEU B 230 -13.96 -9.56 2.26
C LEU B 230 -14.54 -10.98 2.16
N GLU B 231 -14.44 -11.56 0.97
CA GLU B 231 -14.94 -12.90 0.74
C GLU B 231 -13.91 -13.88 1.23
N GLN B 232 -12.64 -13.67 0.84
CA GLN B 232 -11.55 -14.55 1.20
C GLN B 232 -11.44 -14.59 2.73
N ILE B 233 -11.84 -13.52 3.43
CA ILE B 233 -11.88 -13.51 4.89
C ILE B 233 -13.00 -14.44 5.35
N ALA B 234 -14.12 -14.56 4.63
CA ALA B 234 -15.24 -15.44 5.01
C ALA B 234 -15.18 -16.88 4.54
N ASP B 235 -14.37 -17.17 3.53
CA ASP B 235 -14.21 -18.50 3.02
C ASP B 235 -12.97 -18.43 2.13
N ARG B 236 -11.86 -18.78 2.75
CA ARG B 236 -10.52 -18.69 2.18
C ARG B 236 -10.20 -19.69 1.06
N GLY B 237 -9.53 -19.24 0.02
CA GLY B 237 -9.14 -20.12 -1.06
C GLY B 237 -7.80 -19.70 -1.63
N THR B 238 -7.33 -20.38 -2.67
CA THR B 238 -6.04 -20.19 -3.33
C THR B 238 -5.37 -18.82 -3.30
N ALA B 239 -6.05 -17.72 -3.69
CA ALA B 239 -5.45 -16.40 -3.77
C ALA B 239 -5.02 -15.88 -2.43
N ALA B 240 -5.82 -16.10 -1.40
CA ALA B 240 -5.43 -15.71 -0.06
C ALA B 240 -4.29 -16.61 0.35
N GLU B 241 -4.53 -17.91 0.20
CA GLU B 241 -3.62 -18.97 0.54
C GLU B 241 -2.18 -18.78 0.06
N ARG B 242 -1.88 -18.66 -1.25
CA ARG B 242 -0.52 -18.45 -1.72
C ARG B 242 -0.04 -17.00 -1.80
N ALA B 243 -0.88 -16.02 -1.42
CA ALA B 243 -0.45 -14.62 -1.34
C ALA B 243 0.44 -14.55 -0.12
N ALA B 244 -0.08 -15.09 1.00
CA ALA B 244 0.71 -15.11 2.20
C ALA B 244 1.88 -16.08 2.16
N LEU B 245 1.76 -17.26 1.54
CA LEU B 245 2.89 -18.15 1.38
C LEU B 245 4.05 -17.51 0.68
N PHE B 246 3.85 -16.47 -0.13
CA PHE B 246 4.95 -15.72 -0.71
C PHE B 246 5.76 -15.12 0.43
N TRP B 247 5.15 -14.41 1.39
CA TRP B 247 5.93 -13.73 2.41
C TRP B 247 6.55 -14.65 3.43
N ARG B 248 5.85 -15.73 3.79
CA ARG B 248 6.43 -16.77 4.63
C ARG B 248 7.70 -17.34 3.97
N TRP B 249 7.64 -17.75 2.71
CA TRP B 249 8.83 -18.21 2.02
C TRP B 249 9.86 -17.10 1.74
N THR B 250 9.65 -15.80 1.93
CA THR B 250 10.69 -14.83 1.65
C THR B 250 11.27 -14.25 2.93
N MET B 251 10.41 -13.65 3.74
CA MET B 251 10.81 -13.00 4.96
C MET B 251 10.53 -13.77 6.25
N GLY B 252 9.83 -14.90 6.23
CA GLY B 252 9.71 -15.70 7.43
C GLY B 252 8.38 -15.71 8.18
N PHE B 253 7.43 -14.82 7.93
CA PHE B 253 6.13 -14.84 8.61
C PHE B 253 5.09 -14.29 7.66
N ASN B 254 3.83 -14.13 8.08
CA ASN B 254 2.79 -13.82 7.11
C ASN B 254 1.55 -13.16 7.72
N ALA B 255 0.46 -13.01 6.94
CA ALA B 255 -0.78 -12.37 7.38
C ALA B 255 -2.02 -13.05 6.83
N THR B 256 -3.11 -12.75 7.51
CA THR B 256 -4.40 -13.22 7.11
C THR B 256 -5.00 -12.13 6.24
N MET B 257 -5.84 -12.41 5.24
CA MET B 257 -6.48 -11.38 4.42
C MET B 257 -7.22 -10.37 5.24
N GLU B 258 -7.64 -10.75 6.43
CA GLU B 258 -8.20 -9.74 7.32
C GLU B 258 -7.07 -8.96 7.97
N GLY B 259 -6.24 -9.71 8.68
CA GLY B 259 -5.19 -9.19 9.53
C GLY B 259 -4.19 -8.29 8.88
N ILE B 260 -3.79 -8.44 7.63
CA ILE B 260 -2.89 -7.50 6.99
C ILE B 260 -3.57 -6.16 7.00
N HIS B 261 -4.91 -6.04 6.95
CA HIS B 261 -5.56 -4.74 7.04
C HIS B 261 -5.47 -4.26 8.48
N ARG B 262 -5.43 -5.17 9.46
CA ARG B 262 -5.16 -4.78 10.84
C ARG B 262 -3.73 -4.20 10.92
N TRP B 263 -2.72 -4.76 10.24
CA TRP B 263 -1.39 -4.18 10.17
C TRP B 263 -1.50 -2.81 9.52
N ALA B 264 -1.96 -2.72 8.28
CA ALA B 264 -2.08 -1.50 7.53
C ALA B 264 -2.83 -0.32 8.15
N ILE B 265 -3.94 -0.44 8.91
CA ILE B 265 -4.59 0.74 9.51
C ILE B 265 -3.54 1.32 10.44
N TRP B 266 -2.99 0.46 11.29
CA TRP B 266 -2.09 0.95 12.30
C TRP B 266 -0.79 1.47 11.73
N MET B 267 -0.31 0.80 10.69
CA MET B 267 0.91 1.20 10.05
C MET B 267 0.79 2.54 9.39
N ALA B 268 -0.44 3.07 9.26
CA ALA B 268 -0.66 4.39 8.71
C ALA B 268 -1.02 5.35 9.84
N VAL B 269 -1.95 5.03 10.76
CA VAL B 269 -2.34 5.96 11.84
C VAL B 269 -1.21 6.29 12.79
N LEU B 270 -0.18 5.44 12.90
CA LEU B 270 0.93 5.72 13.78
C LEU B 270 1.77 6.88 13.24
N VAL B 271 1.55 7.32 12.00
CA VAL B 271 2.27 8.44 11.42
C VAL B 271 1.89 9.75 12.08
N THR B 272 0.62 10.07 12.21
CA THR B 272 0.19 11.27 12.87
C THR B 272 0.02 11.05 14.35
N LEU B 273 -0.13 9.83 14.86
CA LEU B 273 -0.24 9.57 16.29
C LEU B 273 1.07 9.96 16.99
N THR B 274 2.14 9.20 16.72
CA THR B 274 3.49 9.46 17.20
C THR B 274 3.92 10.90 16.91
N GLY B 275 3.82 11.34 15.65
CA GLY B 275 4.10 12.68 15.24
C GLY B 275 3.40 13.70 16.11
N GLY B 276 2.11 13.56 16.34
CA GLY B 276 1.37 14.51 17.14
C GLY B 276 1.94 14.62 18.55
N ILE B 277 2.26 13.45 19.11
CA ILE B 277 2.86 13.35 20.42
C ILE B 277 4.16 14.13 20.41
N GLY B 278 4.92 13.93 19.33
CA GLY B 278 6.21 14.56 19.17
C GLY B 278 6.13 16.07 19.16
N ILE B 279 5.16 16.67 18.48
CA ILE B 279 5.05 18.12 18.44
C ILE B 279 4.56 18.62 19.79
N LEU B 280 3.64 17.93 20.47
CA LEU B 280 3.13 18.36 21.77
C LEU B 280 4.25 18.60 22.76
N LEU B 281 5.30 17.78 22.66
CA LEU B 281 6.47 17.96 23.47
C LEU B 281 7.38 19.10 22.99
N SER B 282 7.71 19.20 21.71
CA SER B 282 8.64 20.17 21.16
C SER B 282 8.31 21.65 21.34
N GLY B 283 8.55 22.17 22.52
CA GLY B 283 8.28 23.54 22.87
C GLY B 283 7.84 23.43 24.30
N THR B 284 6.68 22.82 24.44
CA THR B 284 6.08 22.58 25.73
C THR B 284 6.96 21.89 26.77
N VAL B 285 7.66 20.80 26.47
CA VAL B 285 8.50 20.16 27.46
C VAL B 285 9.97 20.28 27.04
N VAL B 286 10.32 19.91 25.82
CA VAL B 286 11.71 19.90 25.47
C VAL B 286 11.99 21.03 24.52
N ASP B 287 12.67 21.95 25.15
CA ASP B 287 13.23 23.17 24.58
C ASP B 287 14.15 22.93 23.40
N ASN B 288 14.90 21.82 23.41
CA ASN B 288 15.95 21.58 22.44
C ASN B 288 16.18 20.09 22.42
N TRP B 289 15.99 19.38 21.31
CA TRP B 289 16.12 17.94 21.36
C TRP B 289 17.57 17.51 21.39
N TYR B 290 18.54 18.18 20.73
CA TYR B 290 19.96 17.80 20.82
C TYR B 290 20.40 17.58 22.27
N VAL B 291 20.14 18.58 23.12
CA VAL B 291 20.46 18.53 24.55
C VAL B 291 19.80 17.30 25.13
N TRP B 292 18.47 17.18 24.95
CA TRP B 292 17.66 16.09 25.50
C TRP B 292 18.29 14.75 25.24
N GLY B 293 18.78 14.57 24.03
CA GLY B 293 19.46 13.36 23.64
C GLY B 293 20.67 13.13 24.54
N GLN B 294 21.57 14.11 24.46
CA GLN B 294 22.84 14.08 25.18
C GLN B 294 22.66 13.75 26.64
N ASN B 295 21.64 14.33 27.25
CA ASN B 295 21.50 14.24 28.67
C ASN B 295 20.73 13.02 29.10
N HIS B 296 21.44 11.89 29.04
CA HIS B 296 21.01 10.57 29.49
C HIS B 296 22.26 9.78 29.96
N LEU C 1 8.34 14.68 31.24
CA LEU C 1 7.73 13.46 30.76
C LEU C 1 8.68 13.14 29.62
N ALA C 2 8.34 13.25 28.32
CA ALA C 2 9.18 12.93 27.17
C ALA C 2 9.92 11.61 27.35
N SER C 3 11.08 11.48 28.04
CA SER C 3 11.75 10.20 28.25
C SER C 3 10.81 9.15 28.88
N LEU C 4 9.87 9.55 29.74
CA LEU C 4 8.85 8.62 30.20
C LEU C 4 7.97 8.19 29.01
N ALA C 5 7.48 9.16 28.21
CA ALA C 5 6.59 8.93 27.07
C ALA C 5 7.22 8.04 25.99
N ILE C 6 8.47 8.26 25.58
CA ILE C 6 9.13 7.42 24.60
C ILE C 6 9.31 6.01 25.16
N TYR C 7 9.60 5.81 26.47
CA TYR C 7 9.73 4.47 27.05
C TYR C 7 8.37 3.76 26.95
N SER C 8 7.33 4.43 27.43
CA SER C 8 5.96 3.93 27.38
C SER C 8 5.55 3.59 25.96
N PHE C 9 5.85 4.42 24.97
CA PHE C 9 5.50 4.12 23.59
C PHE C 9 6.19 2.84 23.13
N TRP C 10 7.43 2.56 23.52
CA TRP C 10 8.04 1.33 23.09
C TRP C 10 7.46 0.09 23.78
N ILE C 11 6.85 0.30 24.93
CA ILE C 11 6.12 -0.76 25.61
C ILE C 11 4.92 -1.03 24.73
N PHE C 12 4.09 0.00 24.44
CA PHE C 12 2.88 -0.08 23.62
C PHE C 12 3.11 -0.88 22.36
N LEU C 13 4.13 -0.51 21.60
CA LEU C 13 4.49 -1.21 20.40
C LEU C 13 4.66 -2.69 20.63
N ALA C 14 5.37 -3.09 21.67
CA ALA C 14 5.56 -4.51 21.97
C ALA C 14 4.22 -5.17 22.20
N GLY C 15 3.28 -4.43 22.79
CA GLY C 15 1.94 -4.93 22.99
C GLY C 15 1.26 -5.19 21.64
N LEU C 16 1.08 -4.06 20.92
CA LEU C 16 0.48 -3.98 19.60
C LEU C 16 0.93 -5.07 18.64
N ILE C 17 2.22 -5.07 18.33
CA ILE C 17 2.83 -6.00 17.40
C ILE C 17 2.47 -7.46 17.59
N TYR C 18 2.61 -8.07 18.74
CA TYR C 18 2.33 -9.50 18.73
C TYR C 18 0.93 -9.74 19.18
N TYR C 19 0.45 -8.98 20.18
CA TYR C 19 -0.79 -9.36 20.83
C TYR C 19 -2.11 -8.71 20.47
N LEU C 20 -2.06 -8.45 19.18
CA LEU C 20 -3.18 -7.98 18.42
C LEU C 20 -2.57 -8.51 17.14
N GLN C 21 -1.83 -7.72 16.36
CA GLN C 21 -1.31 -8.11 15.07
C GLN C 21 -0.84 -9.53 14.86
N THR C 22 0.33 -10.01 15.28
CA THR C 22 0.72 -11.36 14.88
C THR C 22 -0.19 -12.42 15.50
N GLU C 23 -0.88 -12.12 16.61
CA GLU C 23 -1.81 -13.07 17.17
C GLU C 23 -2.95 -13.23 16.17
N ASN C 24 -3.46 -12.08 15.70
CA ASN C 24 -4.58 -12.08 14.79
C ASN C 24 -4.16 -12.61 13.43
N MET C 25 -2.88 -12.71 13.07
CA MET C 25 -2.51 -13.38 11.83
C MET C 25 -2.41 -14.87 12.03
N ARG C 26 -2.17 -15.32 13.26
CA ARG C 26 -2.10 -16.76 13.53
C ARG C 26 -3.43 -17.47 13.35
N GLU C 27 -4.52 -16.67 13.34
CA GLU C 27 -5.94 -17.04 13.17
C GLU C 27 -6.30 -17.92 11.99
N GLY C 28 -5.37 -18.02 11.06
CA GLY C 28 -5.51 -18.81 9.87
C GLY C 28 -4.15 -19.14 9.29
N TYR C 29 -3.23 -18.16 9.29
CA TYR C 29 -1.98 -18.30 8.58
C TYR C 29 -0.78 -18.86 9.31
N PRO C 30 -0.22 -20.03 8.94
CA PRO C 30 -0.90 -21.32 8.76
C PRO C 30 -1.53 -22.12 9.94
N LEU C 31 -2.18 -21.48 10.94
CA LEU C 31 -2.93 -22.14 12.00
C LEU C 31 -2.26 -23.22 12.83
N GLU C 32 -1.25 -22.85 13.62
CA GLU C 32 -0.45 -23.83 14.38
C GLU C 32 0.14 -24.94 13.51
N ASN C 33 0.97 -24.37 12.66
CA ASN C 33 1.76 -25.05 11.65
C ASN C 33 2.32 -26.42 12.04
N GLU C 34 1.62 -27.49 11.73
CA GLU C 34 2.14 -28.81 12.04
C GLU C 34 2.28 -29.70 10.82
N ASP C 35 3.52 -30.14 10.70
CA ASP C 35 3.93 -31.30 9.91
C ASP C 35 5.17 -31.61 10.74
N GLY C 36 4.86 -31.92 12.00
CA GLY C 36 5.85 -32.12 13.04
C GLY C 36 5.35 -31.29 14.21
N THR C 37 6.22 -30.57 14.91
CA THR C 37 5.79 -29.83 16.08
C THR C 37 5.15 -28.45 15.81
N PRO C 38 3.82 -28.34 15.99
CA PRO C 38 2.94 -27.19 15.70
C PRO C 38 3.25 -25.69 15.86
N ALA C 39 4.32 -25.28 16.55
CA ALA C 39 4.69 -23.88 16.71
C ALA C 39 6.19 -23.86 16.44
N ALA C 40 6.92 -24.52 17.38
CA ALA C 40 8.36 -24.77 17.42
C ALA C 40 9.44 -23.86 16.82
N ASN C 41 9.40 -23.52 15.53
CA ASN C 41 10.41 -22.63 14.95
C ASN C 41 10.16 -21.21 15.44
N GLN C 42 10.88 -20.95 16.54
CA GLN C 42 10.91 -19.70 17.32
C GLN C 42 9.80 -19.81 18.36
N GLY C 43 9.89 -18.96 19.40
CA GLY C 43 8.84 -18.86 20.42
C GLY C 43 7.70 -17.97 19.90
N PRO C 44 6.48 -18.50 19.64
CA PRO C 44 5.34 -17.66 19.34
C PRO C 44 4.73 -17.26 20.68
N PHE C 45 3.50 -16.75 20.58
CA PHE C 45 2.60 -16.57 21.71
C PHE C 45 1.40 -15.86 21.12
N PRO C 46 0.21 -16.32 21.48
CA PRO C 46 -0.20 -17.70 21.29
C PRO C 46 -1.15 -17.85 20.11
N LEU C 47 -2.19 -18.68 20.17
CA LEU C 47 -3.09 -18.85 19.04
C LEU C 47 -4.35 -18.12 19.44
N PRO C 48 -4.85 -17.19 18.64
CA PRO C 48 -5.46 -15.97 19.15
C PRO C 48 -6.65 -15.95 20.11
N LYS C 49 -7.65 -16.78 19.89
CA LYS C 49 -8.95 -16.80 20.57
C LYS C 49 -9.85 -17.18 19.41
N PRO C 50 -11.02 -17.74 19.63
CA PRO C 50 -12.04 -17.75 18.62
C PRO C 50 -12.74 -16.43 18.46
N LYS C 51 -13.01 -16.20 17.19
CA LYS C 51 -13.73 -15.07 16.70
C LYS C 51 -14.67 -15.77 15.73
N THR C 52 -15.92 -15.36 15.70
CA THR C 52 -16.88 -15.96 14.81
C THR C 52 -17.32 -14.85 13.85
N PHE C 53 -17.50 -15.19 12.59
CA PHE C 53 -17.97 -14.28 11.58
C PHE C 53 -19.37 -14.75 11.29
N ILE C 54 -20.46 -13.97 11.44
CA ILE C 54 -21.75 -14.50 11.00
C ILE C 54 -21.84 -14.02 9.56
N LEU C 55 -22.05 -14.99 8.70
CA LEU C 55 -21.98 -14.73 7.28
C LEU C 55 -23.29 -14.20 6.70
N PRO C 56 -23.20 -13.31 5.70
CA PRO C 56 -24.32 -12.47 5.29
C PRO C 56 -25.32 -13.21 4.43
N HIS C 57 -26.55 -12.69 4.51
CA HIS C 57 -27.75 -13.16 3.82
C HIS C 57 -27.78 -14.61 3.35
N GLY C 58 -28.22 -15.41 4.29
CA GLY C 58 -28.30 -16.81 4.09
C GLY C 58 -27.87 -17.36 5.42
N ARG C 59 -26.85 -18.18 5.44
CA ARG C 59 -26.47 -18.91 6.63
C ARG C 59 -24.97 -18.94 6.77
N GLY C 60 -24.51 -18.84 8.02
CA GLY C 60 -23.12 -19.00 8.29
C GLY C 60 -22.69 -18.42 9.63
N THR C 61 -21.66 -19.07 10.13
CA THR C 61 -20.96 -18.68 11.32
C THR C 61 -19.60 -19.29 11.01
N LEU C 62 -18.55 -18.47 10.94
CA LEU C 62 -17.20 -18.97 10.73
C LEU C 62 -16.49 -18.75 12.05
N THR C 63 -16.00 -19.77 12.74
CA THR C 63 -15.29 -19.52 13.97
C THR C 63 -13.86 -19.91 13.62
N VAL C 64 -13.04 -18.89 13.71
CA VAL C 64 -11.62 -18.98 13.49
C VAL C 64 -10.93 -18.64 14.80
N PRO C 65 -9.85 -19.29 15.23
CA PRO C 65 -8.97 -20.16 14.44
C PRO C 65 -9.69 -21.41 13.97
N GLY C 66 -9.34 -21.79 12.75
CA GLY C 66 -10.02 -22.90 12.11
C GLY C 66 -9.43 -24.26 12.48
N PRO C 67 -10.13 -25.16 13.16
CA PRO C 67 -9.67 -26.51 13.40
C PRO C 67 -9.86 -27.15 12.03
N GLU C 68 -8.89 -27.17 11.14
CA GLU C 68 -9.17 -27.72 9.84
C GLU C 68 -7.95 -28.26 9.16
N SER C 69 -8.27 -29.22 8.31
CA SER C 69 -7.29 -29.91 7.50
C SER C 69 -8.03 -30.22 6.22
N GLU C 70 -7.24 -30.21 5.17
CA GLU C 70 -7.73 -30.62 3.89
C GLU C 70 -7.14 -32.02 3.83
N ASP C 71 -8.03 -33.00 3.73
CA ASP C 71 -7.61 -34.39 3.53
C ASP C 71 -7.66 -34.69 2.01
N ARG C 72 -8.71 -34.10 1.42
CA ARG C 72 -9.08 -34.11 0.02
C ARG C 72 -7.96 -33.87 -1.00
N PRO C 73 -7.51 -34.96 -1.61
CA PRO C 73 -6.16 -35.47 -1.43
C PRO C 73 -5.06 -34.76 -2.20
N ILE C 74 -4.01 -34.48 -1.46
CA ILE C 74 -2.84 -33.86 -2.03
C ILE C 74 -2.04 -35.05 -2.60
N ALA C 75 -2.02 -35.16 -3.93
CA ALA C 75 -1.28 -36.21 -4.61
C ALA C 75 0.20 -35.90 -4.70
N LEU C 76 0.88 -35.96 -3.56
CA LEU C 76 2.27 -35.58 -3.47
C LEU C 76 3.13 -36.52 -2.62
N ALA C 77 3.97 -37.28 -3.33
CA ALA C 77 4.89 -38.21 -2.71
C ALA C 77 6.07 -37.35 -2.36
N ARG C 78 6.58 -37.54 -1.15
CA ARG C 78 7.66 -36.68 -0.77
C ARG C 78 8.98 -37.26 -1.19
N THR C 79 9.78 -36.33 -1.72
CA THR C 79 11.20 -36.59 -1.88
C THR C 79 11.58 -36.35 -0.41
N ALA C 80 12.32 -37.27 0.20
CA ALA C 80 12.56 -37.18 1.63
C ALA C 80 14.06 -37.15 1.91
N VAL C 81 14.52 -37.85 2.97
CA VAL C 81 15.90 -37.96 3.42
C VAL C 81 16.24 -36.62 4.08
N SER C 82 16.83 -35.58 3.49
CA SER C 82 17.10 -34.35 4.22
C SER C 82 15.76 -33.62 4.34
N GLU C 83 15.02 -33.97 5.40
CA GLU C 83 13.65 -33.54 5.66
C GLU C 83 13.17 -32.07 5.66
N GLY C 84 13.12 -31.44 4.48
CA GLY C 84 12.55 -30.09 4.29
C GLY C 84 12.44 -29.81 2.79
N PHE C 85 12.33 -30.90 2.03
CA PHE C 85 12.43 -30.83 0.59
C PHE C 85 11.09 -30.74 -0.15
N PRO C 86 11.15 -30.41 -1.46
CA PRO C 86 10.08 -30.61 -2.41
C PRO C 86 9.32 -31.94 -2.33
N HIS C 87 7.99 -31.83 -2.30
CA HIS C 87 7.11 -32.99 -2.34
C HIS C 87 6.79 -33.18 -3.82
N ALA C 88 7.20 -34.30 -4.44
CA ALA C 88 6.91 -34.53 -5.85
C ALA C 88 5.46 -34.97 -6.11
N PRO C 89 4.88 -34.76 -7.29
CA PRO C 89 3.53 -35.22 -7.60
C PRO C 89 3.46 -36.63 -8.18
N THR C 90 2.49 -37.42 -7.72
CA THR C 90 2.35 -38.79 -8.21
C THR C 90 1.42 -38.82 -9.41
N GLY C 91 1.86 -38.42 -10.60
CA GLY C 91 0.94 -38.36 -11.74
C GLY C 91 0.84 -36.92 -12.24
N ASP C 92 -0.10 -36.53 -13.11
CA ASP C 92 -0.06 -35.18 -13.64
C ASP C 92 -0.65 -34.10 -12.72
N PRO C 93 0.25 -33.25 -12.20
CA PRO C 93 0.02 -32.29 -11.13
C PRO C 93 -1.15 -31.38 -11.46
N MET C 94 -1.23 -31.04 -12.75
CA MET C 94 -2.23 -30.17 -13.35
C MET C 94 -3.66 -30.66 -13.12
N LYS C 95 -3.93 -31.93 -13.47
CA LYS C 95 -5.23 -32.55 -13.26
C LYS C 95 -5.44 -32.81 -11.79
N ASP C 96 -4.32 -33.15 -11.13
CA ASP C 96 -4.30 -33.42 -9.70
C ASP C 96 -4.44 -32.11 -8.91
N GLY C 97 -4.23 -30.96 -9.57
CA GLY C 97 -4.34 -29.63 -8.99
C GLY C 97 -3.45 -29.44 -7.76
N VAL C 98 -2.15 -29.40 -8.07
CA VAL C 98 -1.14 -29.32 -7.03
C VAL C 98 -0.01 -28.39 -7.50
N GLY C 99 0.68 -27.71 -6.59
CA GLY C 99 1.74 -26.80 -6.97
C GLY C 99 1.19 -25.49 -7.47
N PRO C 100 1.66 -24.86 -8.54
CA PRO C 100 1.02 -23.70 -9.16
C PRO C 100 -0.39 -24.00 -9.68
N ALA C 101 -0.81 -25.28 -9.75
CA ALA C 101 -2.16 -25.63 -10.18
C ALA C 101 -3.16 -25.75 -9.04
N SER C 102 -2.72 -25.57 -7.81
CA SER C 102 -3.58 -25.83 -6.68
C SER C 102 -4.83 -25.01 -6.58
N TRP C 103 -5.92 -25.72 -6.45
CA TRP C 103 -7.19 -25.08 -6.21
C TRP C 103 -7.40 -25.19 -4.70
N VAL C 104 -8.47 -24.60 -4.19
CA VAL C 104 -8.85 -24.83 -2.81
C VAL C 104 -10.31 -25.12 -2.94
N ALA C 105 -10.71 -26.06 -2.13
CA ALA C 105 -12.10 -26.34 -2.02
C ALA C 105 -12.66 -25.20 -1.15
N ARG C 106 -13.21 -24.20 -1.81
CA ARG C 106 -13.88 -23.10 -1.12
C ARG C 106 -15.37 -23.52 -1.01
N ARG C 107 -16.43 -22.70 -1.02
CA ARG C 107 -17.80 -23.25 -0.98
C ARG C 107 -18.21 -23.58 -2.41
N ASP C 108 -19.06 -24.58 -2.66
CA ASP C 108 -19.54 -24.83 -4.00
C ASP C 108 -20.88 -24.12 -4.08
N LEU C 109 -20.84 -22.80 -3.94
CA LEU C 109 -21.98 -21.90 -4.02
C LEU C 109 -21.45 -20.66 -4.68
N PRO C 110 -22.20 -19.90 -5.45
CA PRO C 110 -21.79 -18.58 -5.87
C PRO C 110 -21.92 -17.58 -4.76
N GLU C 111 -21.04 -16.59 -4.92
CA GLU C 111 -20.93 -15.46 -4.03
C GLU C 111 -22.05 -14.56 -4.49
N LEU C 112 -22.89 -14.15 -3.57
CA LEU C 112 -24.04 -13.37 -3.92
C LEU C 112 -23.80 -11.97 -3.40
N ASP C 113 -23.92 -10.97 -4.27
CA ASP C 113 -23.75 -9.59 -3.87
C ASP C 113 -24.67 -9.14 -2.73
N GLY C 114 -24.50 -7.89 -2.29
CA GLY C 114 -25.21 -7.21 -1.20
C GLY C 114 -26.64 -7.61 -1.01
N HIS C 115 -27.39 -7.75 -2.12
CA HIS C 115 -28.77 -8.22 -2.06
C HIS C 115 -28.64 -9.55 -2.76
N GLY C 116 -28.84 -10.61 -1.98
CA GLY C 116 -28.64 -12.00 -2.36
C GLY C 116 -28.78 -12.40 -3.82
N HIS C 117 -27.85 -12.09 -4.71
CA HIS C 117 -27.96 -12.48 -6.09
C HIS C 117 -26.55 -12.64 -6.56
N ASN C 118 -26.33 -13.61 -7.43
CA ASN C 118 -25.03 -13.87 -8.03
C ASN C 118 -24.19 -12.69 -8.44
N LYS C 119 -22.96 -12.62 -7.92
CA LYS C 119 -22.04 -11.55 -8.26
C LYS C 119 -21.62 -11.62 -9.71
N ILE C 120 -21.33 -12.81 -10.16
CA ILE C 120 -20.90 -13.01 -11.52
C ILE C 120 -21.95 -13.90 -12.15
N LYS C 121 -22.50 -13.39 -13.25
CA LYS C 121 -23.31 -14.20 -14.12
C LYS C 121 -22.99 -13.63 -15.51
N PRO C 122 -23.28 -14.33 -16.61
CA PRO C 122 -22.81 -13.92 -17.92
C PRO C 122 -23.49 -12.66 -18.44
N MET C 123 -22.89 -11.99 -19.42
CA MET C 123 -23.46 -10.76 -19.95
C MET C 123 -24.80 -11.00 -20.64
N LYS C 124 -25.06 -12.22 -21.16
CA LYS C 124 -26.37 -12.61 -21.71
C LYS C 124 -27.42 -12.34 -20.66
N ALA C 125 -27.14 -12.69 -19.42
CA ALA C 125 -28.10 -12.49 -18.37
C ALA C 125 -28.01 -11.12 -17.70
N ALA C 126 -27.30 -10.14 -18.23
CA ALA C 126 -27.20 -8.87 -17.55
C ALA C 126 -27.94 -7.73 -18.27
N ALA C 127 -28.89 -7.20 -17.49
CA ALA C 127 -29.80 -6.14 -17.92
C ALA C 127 -29.16 -4.89 -18.51
N GLY C 128 -28.95 -4.93 -19.83
CA GLY C 128 -28.40 -3.77 -20.52
C GLY C 128 -26.92 -3.60 -20.25
N PHE C 129 -26.24 -4.69 -19.89
CA PHE C 129 -24.82 -4.60 -19.62
C PHE C 129 -24.06 -4.74 -20.91
N HIS C 130 -23.28 -3.77 -21.38
CA HIS C 130 -22.39 -4.01 -22.50
C HIS C 130 -21.24 -3.06 -22.52
N VAL C 131 -20.18 -3.77 -22.90
CA VAL C 131 -18.85 -3.28 -23.18
C VAL C 131 -18.83 -1.81 -23.60
N SER C 132 -18.33 -0.89 -22.76
CA SER C 132 -18.26 0.52 -23.06
C SER C 132 -16.91 1.06 -23.47
N ALA C 133 -15.84 0.29 -23.63
CA ALA C 133 -14.58 0.78 -24.18
C ALA C 133 -13.62 -0.38 -24.32
N GLY C 134 -12.74 -0.34 -25.31
CA GLY C 134 -11.75 -1.40 -25.47
C GLY C 134 -12.25 -2.41 -26.49
N LYS C 135 -11.41 -3.31 -26.99
CA LYS C 135 -11.85 -4.29 -27.99
C LYS C 135 -12.95 -5.13 -27.36
N ASN C 136 -14.02 -5.44 -28.11
CA ASN C 136 -15.09 -6.27 -27.57
C ASN C 136 -14.61 -7.71 -27.76
N PRO C 137 -14.33 -8.52 -26.75
CA PRO C 137 -13.71 -9.80 -26.89
C PRO C 137 -14.59 -10.81 -27.61
N ILE C 138 -15.91 -10.58 -27.68
CA ILE C 138 -16.79 -11.62 -28.18
C ILE C 138 -16.65 -11.87 -29.66
N GLY C 139 -16.43 -13.13 -29.99
CA GLY C 139 -16.30 -13.52 -31.37
C GLY C 139 -14.85 -13.60 -31.82
N LEU C 140 -13.88 -13.23 -30.98
CA LEU C 140 -12.47 -13.33 -31.35
C LEU C 140 -11.99 -14.76 -31.26
N PRO C 141 -11.07 -15.20 -32.11
CA PRO C 141 -10.33 -16.45 -31.93
C PRO C 141 -9.57 -16.48 -30.61
N VAL C 142 -9.46 -17.63 -29.99
CA VAL C 142 -8.69 -17.75 -28.76
C VAL C 142 -7.50 -18.62 -29.09
N ARG C 143 -6.30 -18.08 -28.93
CA ARG C 143 -5.09 -18.78 -29.32
C ARG C 143 -4.28 -19.01 -28.07
N GLY C 144 -3.75 -20.22 -27.88
CA GLY C 144 -2.95 -20.57 -26.72
C GLY C 144 -1.48 -20.24 -26.91
N CYS C 145 -0.59 -20.53 -25.96
CA CYS C 145 0.83 -20.21 -26.11
C CYS C 145 1.45 -20.94 -27.31
N ASP C 146 1.22 -22.24 -27.57
CA ASP C 146 1.63 -22.84 -28.84
C ASP C 146 0.62 -22.21 -29.77
N LEU C 147 1.08 -21.49 -30.79
CA LEU C 147 0.19 -20.64 -31.57
C LEU C 147 -0.86 -21.41 -32.36
N GLU C 148 -1.88 -21.87 -31.65
CA GLU C 148 -2.97 -22.67 -32.17
C GLU C 148 -4.25 -22.28 -31.45
N ILE C 149 -5.33 -22.19 -32.26
CA ILE C 149 -6.61 -21.70 -31.81
C ILE C 149 -7.38 -22.89 -31.28
N ALA C 150 -8.02 -22.60 -30.16
CA ALA C 150 -8.72 -23.58 -29.38
C ALA C 150 -10.16 -23.23 -29.07
N GLY C 151 -10.69 -22.27 -29.83
CA GLY C 151 -12.06 -21.89 -29.64
C GLY C 151 -12.25 -20.49 -30.12
N LYS C 152 -13.29 -19.87 -29.56
CA LYS C 152 -13.72 -18.53 -29.92
C LYS C 152 -14.34 -17.99 -28.64
N VAL C 153 -14.32 -16.67 -28.43
CA VAL C 153 -14.93 -16.09 -27.24
C VAL C 153 -16.41 -16.02 -27.57
N VAL C 154 -17.25 -16.46 -26.66
CA VAL C 154 -18.67 -16.40 -26.82
C VAL C 154 -19.26 -15.39 -25.86
N ASP C 155 -18.87 -15.31 -24.61
CA ASP C 155 -19.46 -14.30 -23.75
C ASP C 155 -18.44 -13.78 -22.74
N ILE C 156 -18.78 -12.70 -22.07
CA ILE C 156 -18.00 -12.12 -21.01
C ILE C 156 -18.88 -12.44 -19.80
N TRP C 157 -18.32 -12.77 -18.67
CA TRP C 157 -19.09 -13.00 -17.47
C TRP C 157 -18.71 -11.80 -16.66
N VAL C 158 -19.66 -11.07 -16.07
CA VAL C 158 -19.30 -9.84 -15.42
C VAL C 158 -19.62 -9.86 -13.96
N ASP C 159 -18.76 -9.21 -13.21
CA ASP C 159 -19.01 -8.96 -11.81
C ASP C 159 -20.01 -7.82 -11.93
N ILE C 160 -21.20 -7.88 -11.34
CA ILE C 160 -22.06 -6.70 -11.39
C ILE C 160 -21.60 -5.62 -10.40
N PRO C 161 -21.53 -5.74 -9.05
CA PRO C 161 -21.35 -4.63 -8.11
C PRO C 161 -20.27 -3.60 -8.46
N GLU C 162 -19.11 -4.18 -8.73
CA GLU C 162 -17.93 -3.44 -9.08
C GLU C 162 -17.96 -3.94 -10.53
N GLN C 163 -18.58 -3.17 -11.44
CA GLN C 163 -18.83 -3.57 -12.82
C GLN C 163 -17.58 -3.92 -13.60
N MET C 164 -17.36 -5.22 -13.81
CA MET C 164 -16.10 -5.64 -14.41
C MET C 164 -16.10 -6.94 -15.17
N ALA C 165 -15.32 -7.09 -16.21
CA ALA C 165 -15.30 -8.31 -16.96
C ALA C 165 -14.46 -9.28 -16.16
N ARG C 166 -15.00 -10.31 -15.55
CA ARG C 166 -14.14 -11.23 -14.84
C ARG C 166 -13.82 -12.47 -15.63
N PHE C 167 -14.69 -12.97 -16.47
CA PHE C 167 -14.39 -14.21 -17.13
C PHE C 167 -14.76 -14.08 -18.58
N LEU C 168 -14.16 -14.92 -19.41
CA LEU C 168 -14.54 -15.05 -20.79
C LEU C 168 -15.09 -16.45 -20.91
N GLU C 169 -16.19 -16.65 -21.61
CA GLU C 169 -16.74 -17.95 -21.86
C GLU C 169 -16.19 -18.21 -23.24
N VAL C 170 -15.49 -19.31 -23.40
CA VAL C 170 -14.80 -19.66 -24.63
C VAL C 170 -15.42 -20.96 -25.09
N GLU C 171 -15.95 -20.99 -26.30
CA GLU C 171 -16.53 -22.22 -26.80
C GLU C 171 -15.39 -22.94 -27.50
N LEU C 172 -15.06 -24.11 -26.98
CA LEU C 172 -14.03 -24.95 -27.56
C LEU C 172 -14.59 -25.62 -28.79
N LYS C 173 -13.69 -25.94 -29.71
CA LYS C 173 -14.09 -26.58 -30.95
C LYS C 173 -14.64 -27.97 -30.62
N ASP C 174 -15.94 -27.98 -30.36
CA ASP C 174 -16.81 -29.12 -30.08
C ASP C 174 -17.92 -28.65 -29.13
N GLY C 175 -18.27 -27.36 -29.13
CA GLY C 175 -19.42 -26.86 -28.35
C GLY C 175 -19.32 -26.99 -26.83
N SER C 176 -18.17 -27.43 -26.31
CA SER C 176 -17.95 -27.47 -24.88
C SER C 176 -17.49 -26.05 -24.54
N THR C 177 -18.02 -25.41 -23.49
CA THR C 177 -17.57 -24.07 -23.18
C THR C 177 -16.76 -24.09 -21.89
N ARG C 178 -15.66 -23.36 -21.92
CA ARG C 178 -14.77 -23.18 -20.78
C ARG C 178 -14.80 -21.73 -20.32
N LEU C 179 -14.70 -21.52 -19.02
CA LEU C 179 -14.68 -20.19 -18.43
C LEU C 179 -13.20 -19.81 -18.20
N LEU C 180 -12.71 -18.61 -18.46
CA LEU C 180 -11.28 -18.29 -18.43
C LEU C 180 -11.09 -16.92 -17.76
N PRO C 181 -10.16 -16.71 -16.79
CA PRO C 181 -10.07 -15.50 -15.97
C PRO C 181 -9.56 -14.36 -16.81
N MET C 182 -10.21 -13.20 -16.78
CA MET C 182 -9.83 -12.06 -17.59
C MET C 182 -8.40 -11.65 -17.34
N GLN C 183 -7.96 -11.79 -16.09
CA GLN C 183 -6.60 -11.48 -15.70
C GLN C 183 -5.62 -12.46 -16.30
N MET C 184 -5.99 -13.41 -17.15
CA MET C 184 -5.03 -14.32 -17.73
C MET C 184 -4.97 -14.24 -19.24
N VAL C 185 -5.71 -13.33 -19.89
CA VAL C 185 -5.73 -13.34 -21.35
C VAL C 185 -5.26 -12.01 -21.91
N LYS C 186 -4.81 -11.97 -23.16
CA LYS C 186 -4.46 -10.70 -23.71
C LYS C 186 -5.41 -10.42 -24.86
N VAL C 187 -6.38 -9.55 -24.61
CA VAL C 187 -7.36 -9.10 -25.60
C VAL C 187 -6.67 -8.15 -26.57
N GLN C 188 -6.33 -8.65 -27.74
CA GLN C 188 -5.78 -7.80 -28.78
C GLN C 188 -6.95 -7.55 -29.73
N SER C 189 -6.72 -7.04 -30.92
CA SER C 189 -7.74 -6.81 -31.90
C SER C 189 -8.02 -7.98 -32.83
N ASN C 190 -7.09 -8.91 -32.99
CA ASN C 190 -7.22 -9.99 -33.98
C ASN C 190 -7.29 -11.40 -33.43
N ARG C 191 -7.11 -11.50 -32.14
CA ARG C 191 -7.09 -12.76 -31.44
C ARG C 191 -7.14 -12.36 -29.99
N VAL C 192 -7.44 -13.31 -29.13
CA VAL C 192 -7.34 -13.13 -27.69
C VAL C 192 -6.31 -14.23 -27.40
N HIS C 193 -5.18 -13.83 -26.81
CA HIS C 193 -4.12 -14.79 -26.56
C HIS C 193 -4.09 -15.21 -25.10
N VAL C 194 -4.21 -16.50 -24.85
CA VAL C 194 -4.13 -17.05 -23.50
C VAL C 194 -2.71 -17.56 -23.44
N ASN C 195 -1.88 -16.94 -22.61
CA ASN C 195 -0.50 -17.37 -22.61
C ASN C 195 -0.27 -18.56 -21.71
N ALA C 196 -0.94 -18.61 -20.58
CA ALA C 196 -0.79 -19.72 -19.64
C ALA C 196 -1.01 -21.15 -20.18
N LEU C 197 -1.85 -21.31 -21.20
CA LEU C 197 -2.28 -22.61 -21.66
C LEU C 197 -2.07 -22.94 -23.13
N SER C 198 -1.92 -24.25 -23.32
CA SER C 198 -1.81 -24.89 -24.60
C SER C 198 -3.22 -24.98 -25.19
N SER C 199 -3.32 -24.88 -26.51
CA SER C 199 -4.60 -24.97 -27.18
C SER C 199 -5.12 -26.38 -27.03
N ASP C 200 -4.21 -27.26 -27.40
CA ASP C 200 -4.47 -28.68 -27.43
C ASP C 200 -4.20 -29.27 -26.06
N LEU C 201 -5.32 -28.96 -25.44
CA LEU C 201 -5.78 -29.24 -24.11
C LEU C 201 -6.70 -28.05 -23.90
N PHE C 202 -6.58 -26.99 -23.05
CA PHE C 202 -7.65 -25.99 -22.82
C PHE C 202 -8.86 -26.73 -22.24
N ALA C 203 -9.38 -27.70 -22.98
CA ALA C 203 -10.28 -28.77 -22.59
C ALA C 203 -10.28 -29.21 -21.15
N GLY C 204 -9.11 -29.28 -20.52
CA GLY C 204 -9.03 -29.73 -19.16
C GLY C 204 -9.60 -28.76 -18.16
N ILE C 205 -9.98 -27.51 -18.50
CA ILE C 205 -10.46 -26.56 -17.50
C ILE C 205 -11.72 -27.12 -16.82
N PRO C 206 -11.79 -27.18 -15.50
CA PRO C 206 -13.00 -27.58 -14.77
C PRO C 206 -14.25 -26.89 -15.29
N THR C 207 -15.28 -27.70 -15.40
CA THR C 207 -16.53 -27.31 -16.02
C THR C 207 -17.54 -26.75 -15.01
N ILE C 208 -18.46 -25.87 -15.42
CA ILE C 208 -19.43 -25.28 -14.52
C ILE C 208 -20.65 -26.20 -14.37
N LYS C 209 -21.41 -26.15 -13.27
CA LYS C 209 -22.57 -27.02 -13.09
C LYS C 209 -23.78 -26.33 -13.75
N SER C 210 -24.13 -25.09 -13.39
CA SER C 210 -25.14 -24.36 -14.12
C SER C 210 -24.34 -23.71 -15.24
N PRO C 211 -24.87 -23.46 -16.43
CA PRO C 211 -24.20 -22.61 -17.39
C PRO C 211 -24.31 -21.13 -17.05
N THR C 212 -25.17 -20.67 -16.13
CA THR C 212 -25.31 -19.24 -15.85
C THR C 212 -24.73 -18.69 -14.53
N GLU C 213 -23.99 -19.49 -13.80
CA GLU C 213 -23.47 -19.09 -12.51
C GLU C 213 -22.28 -19.99 -12.33
N VAL C 214 -21.28 -19.49 -11.61
CA VAL C 214 -20.08 -20.23 -11.29
C VAL C 214 -19.98 -20.25 -9.78
N THR C 215 -19.45 -21.30 -9.14
CA THR C 215 -19.38 -21.31 -7.67
C THR C 215 -17.97 -20.94 -7.24
N LEU C 216 -17.80 -20.49 -5.99
CA LEU C 216 -16.48 -20.16 -5.45
C LEU C 216 -15.51 -21.33 -5.66
N LEU C 217 -16.00 -22.54 -5.40
CA LEU C 217 -15.29 -23.79 -5.61
C LEU C 217 -14.81 -23.83 -7.05
N GLU C 218 -15.73 -23.62 -7.99
CA GLU C 218 -15.35 -23.71 -9.40
C GLU C 218 -14.38 -22.61 -9.80
N GLU C 219 -14.55 -21.35 -9.37
CA GLU C 219 -13.65 -20.25 -9.69
C GLU C 219 -12.21 -20.63 -9.37
N ASP C 220 -11.99 -21.11 -8.14
CA ASP C 220 -10.67 -21.56 -7.70
C ASP C 220 -10.10 -22.66 -8.53
N LYS C 221 -10.92 -23.64 -8.90
CA LYS C 221 -10.48 -24.72 -9.76
C LYS C 221 -10.10 -24.21 -11.15
N ILE C 222 -10.83 -23.26 -11.73
CA ILE C 222 -10.55 -22.77 -13.07
C ILE C 222 -9.24 -21.98 -13.00
N CYS C 223 -9.20 -20.91 -12.20
CA CYS C 223 -8.03 -20.06 -12.05
C CYS C 223 -6.79 -20.88 -11.72
N GLY C 224 -6.83 -21.78 -10.75
CA GLY C 224 -5.70 -22.62 -10.40
C GLY C 224 -5.22 -23.44 -11.61
N TYR C 225 -6.13 -24.08 -12.35
CA TYR C 225 -5.76 -24.86 -13.53
C TYR C 225 -5.02 -24.00 -14.55
N VAL C 226 -5.55 -22.81 -14.78
CA VAL C 226 -4.99 -21.87 -15.74
C VAL C 226 -3.55 -21.53 -15.37
N ALA C 227 -3.35 -20.97 -14.17
CA ALA C 227 -2.07 -20.48 -13.67
C ALA C 227 -1.01 -21.55 -13.64
N GLY C 228 -1.37 -22.77 -13.21
CA GLY C 228 -0.45 -23.90 -13.20
C GLY C 228 0.16 -24.18 -14.57
N GLY C 229 -0.54 -23.83 -15.64
CA GLY C 229 -0.10 -24.02 -17.01
C GLY C 229 1.16 -23.24 -17.29
N LEU C 230 1.34 -22.10 -16.63
CA LEU C 230 2.53 -21.29 -16.80
C LEU C 230 3.82 -22.08 -16.48
N MET C 231 3.78 -22.92 -15.45
CA MET C 231 4.94 -23.73 -15.14
C MET C 231 4.83 -24.99 -15.98
N TYR C 232 3.69 -25.67 -15.81
CA TYR C 232 3.47 -26.96 -16.42
C TYR C 232 3.23 -26.97 -17.93
N ALA C 233 3.37 -25.89 -18.72
CA ALA C 233 3.34 -26.01 -20.17
C ALA C 233 4.71 -25.68 -20.79
N ALA C 234 5.53 -26.74 -20.95
CA ALA C 234 6.80 -26.69 -21.67
C ALA C 234 6.82 -25.89 -23.00
N PRO C 235 5.85 -25.87 -23.97
CA PRO C 235 5.78 -24.87 -25.07
C PRO C 235 5.92 -23.36 -24.80
N LYS C 236 6.03 -22.99 -23.54
CA LYS C 236 6.22 -21.62 -23.11
C LYS C 236 7.06 -21.75 -21.83
N ARG C 237 7.56 -20.58 -21.38
CA ARG C 237 8.37 -20.39 -20.19
C ARG C 237 7.89 -19.05 -19.57
MG BCL D . 13.38 15.61 2.60
CHA BCL D . 14.76 13.04 0.75
CHB BCL D . 10.37 14.08 2.55
CHC BCL D . 12.10 17.99 4.67
CHD BCL D . 16.45 17.08 2.67
NA BCL D . 12.70 13.85 1.75
C1A BCL D . 13.39 12.91 1.01
C2A BCL D . 12.46 11.82 0.52
C3A BCL D . 11.12 12.20 1.04
C4A BCL D . 11.37 13.45 1.81
CMA BCL D . 10.20 12.53 -0.12
CAA BCL D . 12.75 10.47 1.07
CBA BCL D . 12.79 9.58 -0.13
CGA BCL D . 12.76 8.12 0.16
O1A BCL D . 11.92 7.73 0.96
O2A BCL D . 13.67 7.41 -0.30
NB BCL D . 11.56 15.96 3.48
C1B BCL D . 10.43 15.22 3.34
C2B BCL D . 9.38 15.70 4.10
C3B BCL D . 9.88 16.84 4.76
C4B BCL D . 11.21 16.97 4.33
CMB BCL D . 8.01 15.03 4.12
CAB BCL D . 9.22 17.69 5.67
OBB BCL D . 9.46 18.89 5.70
CBB BCL D . 8.03 17.19 6.48
NC BCL D . 14.13 17.32 3.45
C1C BCL D . 13.42 18.18 4.27
C2C BCL D . 14.31 19.31 4.77
C3C BCL D . 15.66 19.02 4.15
C4C BCL D . 15.43 17.75 3.35
CMC BCL D . 13.82 20.65 4.22
CAC BCL D . 16.79 18.80 5.22
CBC BCL D . 16.54 17.95 6.49
ND BCL D . 15.22 15.20 1.84
C1D BCL D . 16.35 15.88 1.97
C2D BCL D . 17.39 15.20 1.37
C3D BCL D . 16.94 14.01 0.81
C4D BCL D . 15.58 14.10 1.15
CMD BCL D . 18.82 15.68 1.35
CAD BCL D . 17.02 12.80 0.15
OBD BCL D . 18.09 12.38 -0.30
CBD BCL D . 15.69 12.08 0.05
CGD BCL D . 15.27 11.82 -1.40
O1D BCL D . 14.92 12.72 -2.15
O2D BCL D . 15.23 10.63 -1.72
CED BCL D . 16.12 10.09 -2.69
C1 BCL D . 13.50 6.02 -0.73
C2 BCL D . 14.00 5.04 0.25
C3 BCL D . 15.21 4.35 0.19
C4 BCL D . 16.33 4.87 -0.69
C5 BCL D . 15.44 3.08 0.98
C6 BCL D . 15.97 1.94 0.11
C7 BCL D . 16.01 0.63 0.91
C8 BCL D . 16.83 -0.51 0.30
C9 BCL D . 16.29 -0.95 -1.04
C10 BCL D . 16.87 -1.77 1.14
C11 BCL D . 17.43 -1.67 2.53
C12 BCL D . 17.54 -3.11 3.05
C13 BCL D . 17.84 -3.29 4.53
C14 BCL D . 19.21 -2.75 4.92
C15 BCL D . 17.76 -4.75 4.84
C16 BCL D . 17.71 -5.04 6.30
C17 BCL D . 17.09 -6.41 6.41
C18 BCL D . 16.65 -6.71 7.82
C19 BCL D . 16.04 -8.07 7.88
C20 BCL D . 15.62 -5.74 8.33
MG BCL E . 17.18 5.95 6.46
CHA BCL E . 15.43 6.47 9.37
CHB BCL E . 17.55 2.66 7.19
CHC BCL E . 18.51 5.37 3.39
CHD BCL E . 16.68 9.24 5.73
NA BCL E . 16.65 4.78 8.06
C1A BCL E . 15.88 5.14 9.17
C2A BCL E . 15.63 3.94 10.10
C3A BCL E . 16.41 2.84 9.41
C4A BCL E . 16.97 3.44 8.16
CMA BCL E . 17.57 2.39 10.25
CAA BCL E . 14.13 3.49 10.08
CBA BCL E . 13.70 3.21 8.59
CGA BCL E . 12.30 2.78 8.21
O1A BCL E . 11.34 3.45 8.56
O2A BCL E . 12.21 1.78 7.50
NB BCL E . 17.88 4.29 5.45
C1B BCL E . 17.96 3.02 5.92
C2B BCL E . 18.49 2.14 5.01
C3B BCL E . 18.77 2.91 3.87
C4B BCL E . 18.38 4.22 4.18
CMB BCL E . 18.63 0.65 5.31
CAB BCL E . 19.38 2.50 2.66
OBB BCL E . 19.35 3.21 1.65
CBB BCL E . 20.01 1.13 2.50
NC BCL E . 17.62 7.13 4.86
C1C BCL E . 18.17 6.70 3.69
C2C BCL E . 18.30 7.85 2.72
C3C BCL E . 17.73 9.03 3.45
C4C BCL E . 17.33 8.47 4.78
CMC BCL E . 19.73 8.12 2.46
CAC BCL E . 16.47 9.57 2.77
CBC BCL E . 15.33 8.55 2.57
ND BCL E . 16.29 7.54 7.36
C1D BCL E . 16.18 8.81 6.95
C2D BCL E . 15.49 9.59 7.85
C3D BCL E . 15.10 8.78 8.93
C4D BCL E . 15.64 7.54 8.52
CMD BCL E . 15.15 11.06 7.73
CAD BCL E . 14.51 8.51 10.14
OBD BCL E . 13.97 9.38 10.81
CBD BCL E . 14.64 7.05 10.52
CGD BCL E . 15.38 6.97 11.84
O1D BCL E . 14.71 6.61 12.81
O2D BCL E . 16.60 7.25 11.89
CED BCL E . 17.13 7.87 13.08
C1 BCL E . 10.92 1.09 7.40
C2 BCL E . 11.20 -0.34 7.45
C3 BCL E . 10.40 -1.27 8.09
C4 BCL E . 9.03 -0.89 8.67
C5 BCL E . 10.90 -2.70 8.20
O1D BPH F . 10.82 -8.35 1.63
CGD BPH F . 10.48 -7.17 1.66
O2D BPH F . 9.78 -6.68 2.56
CED BPH F . 9.62 -7.41 3.80
CBD BPH F . 11.05 -6.30 0.53
CHA BPH F . 11.34 -4.90 1.00
C4D BPH F . 10.54 -4.07 0.18
C3D BPH F . 9.72 -4.74 -0.74
CAD BPH F . 10.02 -6.08 -0.54
OBD BPH F . 9.52 -6.97 -1.21
C2D BPH F . 9.06 -3.64 -1.33
CMD BPH F . 8.00 -3.75 -2.40
C1D BPH F . 9.50 -2.46 -0.76
ND BPH F . 10.44 -2.71 0.20
CHD BPH F . 9.09 -1.19 -1.12
C4C BPH F . 9.55 0.03 -0.63
C3C BPH F . 9.02 1.41 -1.06
CAC BPH F . 9.28 1.56 -2.53
CBC BPH F . 8.02 1.68 -3.35
C2C BPH F . 9.84 2.39 -0.24
CMC BPH F . 9.02 3.19 0.75
C1C BPH F . 10.75 1.50 0.60
NC BPH F . 10.54 0.16 0.32
CHC BPH F . 11.60 1.97 1.58
C4B BPH F . 12.41 1.24 2.46
C3B BPH F . 13.12 1.78 3.53
CAB BPH F . 13.15 3.17 3.85
CBB BPH F . 14.13 3.70 4.87
OBB BPH F . 12.33 3.98 3.42
C2B BPH F . 13.65 0.67 4.22
CMB BPH F . 14.56 0.58 5.45
C1B BPH F . 13.22 -0.46 3.52
NB BPH F . 12.45 -0.14 2.44
CHB BPH F . 13.48 -1.76 3.93
C4A BPH F . 13.09 -2.98 3.40
C3A BPH F . 13.45 -4.34 4.00
CMA BPH F . 12.76 -4.54 5.32
C2A BPH F . 12.87 -5.33 3.07
C1A BPH F . 12.19 -4.48 2.02
NA BPH F . 12.35 -3.13 2.27
CAA BPH F . 13.98 -6.23 2.50
CBA BPH F . 15.19 -5.66 1.82
CGA BPH F . 16.33 -6.67 1.59
O1A BPH F . 17.01 -6.58 0.56
O2A BPH F . 16.56 -7.48 2.50
C1 BPH F . 17.77 -8.29 2.44
C2 BPH F . 18.53 -8.16 3.68
C3 BPH F . 19.92 -8.17 3.71
C4 BPH F . 20.68 -8.50 2.45
C5 BPH F . 20.74 -7.85 4.93
C6 BPH F . 21.45 -6.50 4.71
C7 BPH F . 22.97 -6.63 4.62
C8 BPH F . 23.71 -5.42 4.02
C9 BPH F . 25.11 -5.79 3.52
C10 BPH F . 23.71 -4.20 4.95
C11 BPH F . 24.13 -2.97 4.17
C12 BPH F . 24.05 -1.68 4.98
C13 BPH F . 23.36 -0.52 4.26
C14 BPH F . 23.95 -0.16 2.93
C15 BPH F . 23.41 0.75 5.05
C16 BPH F . 22.77 0.70 6.42
C17 BPH F . 22.95 2.12 6.87
C18 BPH F . 21.71 2.77 7.43
C19 BPH F . 21.91 4.26 7.38
C20 BPH F . 21.34 2.29 8.84
C1 U10 G . -10.75 3.13 -1.11
C2 U10 G . -10.84 1.88 -0.45
C3 U10 G . -11.86 0.97 -0.71
C4 U10 G . -12.84 1.30 -1.64
C5 U10 G . -12.79 2.55 -2.29
C6 U10 G . -11.74 3.46 -2.06
C1M U10 G . -9.65 4.12 -0.74
C3M U10 G . -11.51 -1.42 -0.74
C4M U10 G . -13.70 -0.31 -3.16
C7 U10 G . -11.61 4.70 -2.96
C8 U10 G . -12.29 5.85 -2.41
C9 U10 G . -11.72 7.11 -2.40
C10 U10 G . -12.55 8.21 -1.76
C11 U10 G . -10.32 7.40 -2.97
C12 U10 G . -9.18 7.34 -1.92
C13 U10 G . -8.10 8.23 -2.26
C14 U10 G . -7.90 9.48 -1.69
C15 U10 G . -6.71 10.28 -2.20
C16 U10 G . -8.80 10.09 -0.61
C17 U10 G . -10.03 10.88 -1.12
C18 U10 G . -9.68 12.15 -1.78
C19 U10 G . -10.46 13.32 -1.75
C20 U10 G . -9.92 14.53 -2.50
C21 U10 G . -11.78 13.37 -0.96
C22 U10 G . -12.85 14.44 -1.31
C23 U10 G . -12.86 15.55 -0.33
C24 U10 G . -13.97 16.24 0.16
C25 U10 G . -13.76 17.40 1.13
C26 U10 G . -15.39 15.94 -0.25
C27 U10 G . -15.80 16.80 -1.44
C28 U10 G . -17.19 17.24 -1.35
C29 U10 G . -18.12 17.03 -2.36
C30 U10 G . -19.54 17.58 -2.17
C31 U10 G . -17.75 16.30 -3.66
C32 U10 G . -18.31 16.93 -4.95
C33 U10 G . -17.21 17.37 -5.82
C34 U10 G . -17.16 18.72 -6.36
O2 U10 G . -9.97 1.58 0.37
O3 U10 G . -11.91 -0.25 -0.04
O4 U10 G . -13.85 0.41 -1.93
O5 U10 G . -13.70 2.86 -3.04
FE FE H . -6.60 -4.58 0.79
MG BCL I . 1.64 20.70 4.26
CHA BCL I . 2.83 20.15 1.07
CHB BCL I . -1.48 21.11 3.08
CHC BCL I . 0.43 20.83 7.44
CHD BCL I . 4.83 20.17 5.41
NA BCL I . 0.84 20.70 2.38
C1A BCL I . 1.45 20.41 1.15
C2A BCL I . 0.45 20.45 0.02
C3A BCL I . -0.83 20.84 0.68
C4A BCL I . -0.50 20.95 2.14
CMA BCL I . -1.25 22.21 0.23
CAA BCL I . 0.24 19.03 -0.56
CBA BCL I . -0.21 18.04 0.54
CGA BCL I . -0.70 16.67 0.14
O1A BCL I . 0.07 15.89 -0.40
O2A BCL I . -1.87 16.39 0.45
NB BCL I . -0.21 20.94 5.11
C1B BCL I . -1.38 21.11 4.45
C2B BCL I . -2.46 21.20 5.31
C3B BCL I . -1.94 21.09 6.60
C4B BCL I . -0.55 20.94 6.44
CMB BCL I . -3.91 21.43 4.86
CAB BCL I . -2.76 21.05 7.76
OBB BCL I . -3.90 21.51 7.74
CBB BCL I . -2.30 20.39 9.05
NC BCL I . 2.50 20.59 6.13
C1C BCL I . 1.82 20.69 7.32
C2C BCL I . 2.75 20.55 8.51
C3C BCL I . 4.11 20.34 7.88
C4C BCL I . 3.85 20.38 6.39
CMC BCL I . 2.66 21.85 9.27
CAC BCL I . 4.68 18.97 8.22
CBC BCL I . 3.71 17.80 8.05
ND BCL I . 3.45 20.27 3.42
C1D BCL I . 4.66 20.11 4.02
C2D BCL I . 5.64 19.84 3.07
C3D BCL I . 5.05 19.82 1.80
C4D BCL I . 3.73 20.09 2.12
CMD BCL I . 7.13 19.64 3.30
CAD BCL I . 5.03 19.68 0.43
OBD BCL I . 6.05 19.44 -0.22
CBD BCL I . 3.67 19.88 -0.17
CGD BCL I . 3.84 21.07 -1.15
O1D BCL I . 4.38 20.87 -2.23
O2D BCL I . 3.46 22.21 -0.81
CED BCL I . 2.82 23.04 -1.80
C1 BCL I . -2.52 15.28 -0.23
C2 BCL I . -3.88 15.17 0.19
C3 BCL I . -4.88 14.81 -0.69
C4 BCL I . -4.55 14.59 -2.16
C5 BCL I . -6.31 14.62 -0.22
O1D BPH J . 4.14 15.51 13.17
CGD BPH J . 5.17 16.07 12.83
O2D BPH J . 6.16 16.10 13.59
CED BPH J . 6.70 14.91 14.22
CBD BPH J . 5.25 16.87 11.51
CHA BPH J . 6.46 16.48 10.69
C4D BPH J . 7.33 17.53 10.81
C3D BPH J . 6.89 18.62 11.58
CAD BPH J . 5.63 18.25 12.00
OBD BPH J . 4.87 18.97 12.65
C2D BPH J . 7.97 19.45 11.48
CMD BPH J . 8.05 20.83 12.06
C1D BPH J . 8.94 18.86 10.72
ND BPH J . 8.56 17.62 10.27
CHD BPH J . 10.16 19.43 10.47
C4C BPH J . 11.20 18.84 9.78
C3C BPH J . 12.53 19.52 9.60
CAC BPH J . 12.28 20.79 8.78
CBC BPH J . 13.40 21.22 7.84
C2C BPH J . 13.32 18.50 8.88
CMC BPH J . 14.47 18.11 9.77
C1C BPH J . 12.37 17.32 8.68
NC BPH J . 11.15 17.56 9.24
CHC BPH J . 12.66 16.22 7.88
C4B BPH J . 11.82 15.17 7.48
C3B BPH J . 12.12 14.07 6.65
CAB BPH J . 13.32 13.76 5.97
CBB BPH J . 14.34 14.85 5.65
OBB BPH J . 13.58 12.64 5.55
C2B BPH J . 10.94 13.31 6.57
CMB BPH J . 10.67 12.03 5.79
C1B BPH J . 10.01 13.96 7.36
NB BPH J . 10.51 15.11 7.92
CHB BPH J . 8.73 13.48 7.61
C4A BPH J . 7.75 14.04 8.43
C3A BPH J . 6.46 13.28 8.73
CMA BPH J . 6.82 11.93 9.33
C2A BPH J . 5.73 14.15 9.73
C1A BPH J . 6.66 15.35 9.89
NA BPH J . 7.82 15.24 9.13
CAA BPH J . 4.37 14.51 9.12
CBA BPH J . 3.36 13.35 9.22
CGA BPH J . 2.29 13.39 8.14
O1A BPH J . 2.50 12.86 7.05
O2A BPH J . 1.21 13.89 8.45
C1 BPH J . 0.53 14.92 7.65
C2 BPH J . -0.83 15.02 8.19
C3 BPH J . -1.35 16.18 8.71
C4 BPH J . -0.52 17.44 8.68
C5 BPH J . -2.73 16.20 9.38
C6 BPH J . -3.78 16.95 8.56
C7 BPH J . -5.16 16.35 8.83
C8 BPH J . -6.35 17.30 8.72
C9 BPH J . -7.57 16.57 9.23
C10 BPH J . -6.56 17.76 7.28
C11 BPH J . -7.56 18.91 7.09
C12 BPH J . -7.67 19.18 5.58
C13 BPH J . -8.27 20.53 5.12
C14 BPH J . -9.65 20.88 5.64
C15 BPH J . -8.07 20.79 3.61
C16 BPH J . -8.59 19.67 2.73
C17 BPH J . -8.32 19.83 1.23
C18 BPH J . -8.97 18.72 0.39
C19 BPH J . -8.55 18.73 -1.08
C20 BPH J . -10.49 18.68 0.48
O1D BPH K . -13.06 11.63 4.24
CGD BPH K . -11.84 11.39 4.35
O2D BPH K . -11.14 10.83 3.48
CED BPH K . -11.58 10.79 2.11
CBD BPH K . -11.18 11.76 5.67
CHA BPH K . -9.79 12.36 5.53
C4D BPH K . -8.94 11.44 6.17
C3D BPH K . -9.56 10.30 6.72
CAD BPH K . -10.91 10.48 6.42
OBD BPH K . -11.79 9.65 6.66
C2D BPH K . -8.42 9.65 7.21
CMD BPH K . -8.42 8.30 7.90
C1D BPH K . -7.29 10.40 6.96
ND BPH K . -7.59 11.54 6.29
CHD BPH K . -5.99 10.03 7.34
C4C BPH K . -4.82 10.74 7.13
C3C BPH K . -3.45 10.25 7.54
CAC BPH K . -3.40 10.03 9.04
CBC BPH K . -2.25 9.08 9.38
C2C BPH K . -2.51 11.38 7.11
CMC BPH K . -1.50 10.99 6.03
C1C BPH K . -3.45 12.39 6.48
NC BPH K . -4.76 11.97 6.52
CHC BPH K . -3.00 13.58 5.87
C4B BPH K . -3.76 14.50 5.19
C3B BPH K . -3.26 15.59 4.51
CAB BPH K . -1.94 16.06 4.48
CBB BPH K . -1.68 17.32 5.29
OBB BPH K . -1.14 15.63 3.68
C2B BPH K . -4.34 16.19 3.84
CMB BPH K . -4.35 17.37 2.88
C1B BPH K . -5.44 15.42 4.20
NB BPH K . -5.11 14.38 5.03
CHB BPH K . -6.74 15.66 3.76
C4A BPH K . -7.92 14.98 4.03
C3A BPH K . -9.27 15.43 3.47
CMA BPH K . -9.26 15.31 1.96
C2A BPH K . -10.24 14.47 4.03
C1A BPH K . -9.39 13.53 4.86
NA BPH K . -8.06 13.86 4.82
CAA BPH K . -11.28 15.25 4.83
CBA BPH K . -10.96 16.39 5.74
CGA BPH K . -12.20 17.28 5.90
O1A BPH K . -12.86 17.29 6.94
O2A BPH K . -12.47 17.98 4.92
C1 BPH K . -13.57 18.94 4.94
C2 BPH K . -13.15 20.02 4.05
C3 BPH K . -14.00 20.93 3.47
C4 BPH K . -15.50 20.77 3.55
C5 BPH K . -13.43 22.15 2.74
C6 BPH K . -13.11 21.79 1.31
C7 BPH K . -12.53 23.03 0.65
C8 BPH K . -11.86 22.70 -0.68
C9 BPH K . -12.79 21.89 -1.58
C10 BPH K . -11.38 23.99 -1.34
C11 BPH K . -10.76 23.87 -2.74
C12 BPH K . -9.53 22.94 -2.83
C13 BPH K . -8.73 22.98 -4.15
C14 BPH K . -7.40 22.25 -4.15
C15 BPH K . -9.54 22.76 -5.44
C16 BPH K . -10.52 21.59 -5.58
C17 BPH K . -9.92 20.19 -5.80
C18 BPH K . -10.92 19.19 -6.42
C19 BPH K . -11.30 19.54 -7.86
C20 BPH K . -12.17 18.95 -5.57
C1 U10 L . 1.23 -8.64 2.72
C2 U10 L . 0.08 -8.82 1.94
C3 U10 L . -0.63 -10.02 1.96
C4 U10 L . -0.21 -11.06 2.77
C5 U10 L . 0.94 -10.89 3.56
C6 U10 L . 1.67 -9.69 3.55
C1M U10 L . 2.00 -7.34 2.64
C3M U10 L . -2.94 -9.54 1.65
C4M U10 L . -2.19 -12.40 3.31
C7 U10 L . 2.93 -9.47 4.40
C8 U10 L . 2.58 -9.62 5.80
C9 U10 L . 2.78 -8.69 6.80
C10 U10 L . 2.34 -9.06 8.20
C11 U10 L . 3.45 -7.34 6.59
C12 U10 L . 4.80 -7.28 7.33
C13 U10 L . 5.02 -6.00 7.98
C14 U10 L . 6.05 -5.13 7.62
C15 U10 L . 6.16 -3.82 8.36
C16 U10 L . 7.05 -5.38 6.50
C17 U10 L . 8.21 -6.33 6.84
C18 U10 L . 9.07 -5.83 7.93
C19 U10 L . 10.06 -6.57 8.56
C20 U10 L . 10.80 -5.92 9.71
C21 U10 L . 10.37 -8.02 8.24
C22 U10 L . 11.84 -8.38 8.28
C23 U10 L . 12.37 -8.28 6.94
C24 U10 L . 13.01 -9.32 6.29
C25 U10 L . 13.51 -9.07 4.88
C26 U10 L . 13.24 -10.67 6.93
C27 U10 L . 14.45 -11.41 6.35
C28 U10 L . 15.17 -12.05 7.43
C29 U10 L . 16.30 -12.84 7.26
C30 U10 L . 16.84 -13.44 8.54
C31 U10 L . 16.95 -13.17 5.90
C32 U10 L . 16.95 -14.65 5.45
C33 U10 L . 17.12 -14.78 3.99
C34 U10 L . 17.55 -15.92 3.33
C35 U10 L . 17.70 -15.87 1.82
C36 U10 L . 17.89 -17.22 4.06
C37 U10 L . 18.67 -18.27 3.28
C38 U10 L . 19.14 -19.22 4.29
C39 U10 L . 20.20 -20.10 4.13
C40 U10 L . 20.52 -21.00 5.32
C41 U10 L . 21.03 -20.19 2.85
C42 U10 L . 22.23 -21.13 2.91
C43 U10 L . 21.93 -22.39 2.25
C44 U10 L . 22.03 -23.64 2.95
O2 U10 L . -0.33 -7.89 1.24
O3 U10 L . -1.76 -10.17 1.18
O4 U10 L . -0.88 -12.28 2.75
O5 U10 L . 1.27 -11.85 4.26
C1M CRT M . -11.66 35.23 -2.61
O1 CRT M . -10.91 34.52 -3.55
C1 CRT M . -11.28 33.25 -4.14
C2 CRT M . -10.52 33.17 -5.51
C3 CRT M . -12.82 33.13 -4.40
C4 CRT M . -10.91 32.10 -3.18
C5 CRT M . -9.43 31.64 -3.31
C6 CRT M . -8.52 31.09 -2.18
C7 CRT M . -7.18 30.93 -2.50
C8 CRT M . -6.56 31.62 -3.72
C9 CRT M . -6.32 30.26 -1.65
C10 CRT M . -6.57 29.59 -0.29
C11 CRT M . -5.31 28.95 0.31
C12 CRT M . -5.30 28.28 1.50
C13 CRT M . -6.59 27.97 2.25
C14 CRT M . -4.14 27.61 1.83
C15 CRT M . -3.97 26.78 3.11
C16 CRT M . -2.80 25.78 3.19
C17 CRT M . -2.32 25.11 4.29
C18 CRT M . -0.86 24.63 4.16
C19 CRT M . -2.89 25.28 5.54
C20 CRT M . -2.38 24.45 6.74
C21 CRT M . -2.54 24.95 8.20
C22 CRT M . -2.78 23.98 9.38
C23 CRT M . -3.44 24.40 10.51
C24 CRT M . -3.30 25.84 11.04
C25 CRT M . -3.91 23.42 11.33
C26 CRT M . -4.67 23.69 12.65
C27 CRT M . -6.03 24.41 12.78
C28 CRT M . -6.62 24.48 14.02
C29 CRT M . -6.50 23.28 14.99
C30 CRT M . -7.76 25.23 14.09
C31 CRT M . -8.40 25.69 15.41
C32 CRT M . -8.02 27.11 15.91
C33 CRT M . -8.85 27.94 16.64
C34 CRT M . -8.74 29.47 16.56
C35 CRT M . -10.27 27.50 17.00
C36 CRT M . -10.90 28.22 18.17
C37 CRT M . -12.11 27.39 18.57
C38 CRT M . -13.04 27.51 19.57
C39 CRT M . -13.03 28.62 20.65
C40 CRT M . -14.19 26.51 19.78
#